data_8USL
#
_entry.id   8USL
#
_cell.length_a   51.106
_cell.length_b   77.492
_cell.length_c   93.846
_cell.angle_alpha   90.00
_cell.angle_beta   105.51
_cell.angle_gamma   90.00
#
_symmetry.space_group_name_H-M   'P 1 21 1'
#
loop_
_entity.id
_entity.type
_entity.pdbx_description
1 polymer 'Kemp eliminase'
2 non-polymer 6-NITROBENZOTRIAZOLE
3 water water
#
_entity_poly.entity_id   1
_entity_poly.type   'polypeptide(L)'
_entity_poly.pdbx_seq_one_letter_code
;AEAAQSVDQLIKARGKVYFGVCTDQNRLTTGKNAAIIQADFGMVWPENSMQWDATEPSQGNFNFAGADYLVNWAQQNGKL
IGGGMLVWHSFLPSWVSSITDKNTLTNVMKNHITTLMTRYKGKIRTWDVVGEAFNEDGSLRQTVFLNVIGEDYIPIAFQT
ARAADPNAKLYIMDYNLDSASYPKTQAIVNRVKQWRAAGVPIDGIGSQTHLSAGQGAGVLQALPLLASAGTPEVSILMLD
VAGASPTDYVNVVNACLNVQSCVGITVFGVADPDSVRASTTPLLFDGNFNPKPAYNAIVQDLQQ
;
_entity_poly.pdbx_strand_id   A,B
#
loop_
_chem_comp.id
_chem_comp.type
_chem_comp.name
_chem_comp.formula
6NT non-polymer 6-NITROBENZOTRIAZOLE 'C6 H4 N4 O2'
#
# COMPACT_ATOMS: atom_id res chain seq x y z
N ALA A 4 -13.45 -16.02 18.27
CA ALA A 4 -14.29 -16.56 17.22
C ALA A 4 -15.51 -15.68 16.98
N GLN A 5 -15.96 -14.98 18.02
CA GLN A 5 -17.12 -14.10 17.90
C GLN A 5 -16.75 -12.80 17.21
N SER A 6 -17.75 -12.18 16.59
CA SER A 6 -17.59 -10.97 15.81
C SER A 6 -17.89 -9.76 16.68
N VAL A 7 -16.88 -8.89 16.88
CA VAL A 7 -17.13 -7.73 17.72
C VAL A 7 -18.12 -6.78 17.08
N ASP A 8 -18.17 -6.72 15.74
CA ASP A 8 -19.19 -5.88 15.13
C ASP A 8 -20.60 -6.41 15.42
N GLN A 9 -20.81 -7.72 15.27
CA GLN A 9 -22.13 -8.26 15.57
C GLN A 9 -22.50 -8.00 17.02
N LEU A 10 -21.55 -8.18 17.94
CA LEU A 10 -21.85 -8.03 19.35
C LEU A 10 -22.14 -6.58 19.72
N ILE A 11 -21.42 -5.62 19.13
CA ILE A 11 -21.69 -4.24 19.47
C ILE A 11 -23.01 -3.79 18.86
N LYS A 12 -23.39 -4.36 17.71
CA LYS A 12 -24.73 -4.12 17.18
C LYS A 12 -25.80 -4.63 18.15
N ALA A 13 -25.58 -5.80 18.76
CA ALA A 13 -26.57 -6.32 19.69
C ALA A 13 -26.71 -5.45 20.92
N ARG A 14 -25.68 -4.66 21.24
CA ARG A 14 -25.74 -3.71 22.34
C ARG A 14 -26.27 -2.34 21.92
N GLY A 15 -26.75 -2.21 20.68
CA GLY A 15 -27.39 -0.97 20.25
C GLY A 15 -26.50 0.03 19.55
N LYS A 16 -25.28 -0.34 19.20
CA LYS A 16 -24.38 0.55 18.49
C LYS A 16 -24.45 0.24 17.00
N VAL A 17 -23.74 1.05 16.22
CA VAL A 17 -23.85 0.90 14.76
C VAL A 17 -22.77 -0.01 14.19
N TYR A 18 -21.52 0.09 14.67
CA TYR A 18 -20.44 -0.65 14.03
C TYR A 18 -19.23 -0.77 14.94
N PHE A 19 -18.44 -1.80 14.65
CA PHE A 19 -17.04 -1.90 15.04
C PHE A 19 -16.28 -2.01 13.72
N GLY A 20 -15.45 -1.00 13.43
CA GLY A 20 -14.85 -0.87 12.12
C GLY A 20 -13.33 -0.95 12.14
N VAL A 21 -12.76 -0.85 10.94
CA VAL A 21 -11.32 -0.96 10.77
C VAL A 21 -10.89 -0.16 9.57
N CYS A 22 -9.65 0.30 9.58
N CYS A 22 -9.65 0.32 9.63
N CYS A 22 -9.61 0.23 9.58
CA CYS A 22 -9.13 0.97 8.40
CA CYS A 22 -9.01 0.92 8.48
CA CYS A 22 -8.97 0.96 8.50
C CYS A 22 -8.23 0.01 7.62
C CYS A 22 -8.36 -0.15 7.62
C CYS A 22 -8.16 0.01 7.62
N THR A 23 -8.40 0.04 6.31
CA THR A 23 -7.79 -0.91 5.40
C THR A 23 -7.60 -0.22 4.04
N ASP A 24 -7.18 -0.99 3.05
CA ASP A 24 -7.08 -0.54 1.67
C ASP A 24 -6.71 -1.76 0.82
N GLN A 25 -6.65 -1.53 -0.50
CA GLN A 25 -6.43 -2.61 -1.46
C GLN A 25 -5.21 -3.47 -1.08
N ASN A 26 -4.12 -2.83 -0.64
N ASN A 26 -4.09 -2.85 -0.73
CA ASN A 26 -2.88 -3.55 -0.33
CA ASN A 26 -2.92 -3.66 -0.37
C ASN A 26 -3.09 -4.57 0.80
C ASN A 26 -3.29 -4.69 0.69
N ARG A 27 -3.92 -4.24 1.78
CA ARG A 27 -4.22 -5.14 2.88
C ARG A 27 -5.23 -6.20 2.48
N LEU A 28 -6.21 -5.83 1.68
CA LEU A 28 -7.27 -6.76 1.31
C LEU A 28 -6.77 -7.90 0.44
N THR A 29 -5.61 -7.75 -0.18
CA THR A 29 -5.05 -8.77 -1.06
C THR A 29 -3.88 -9.52 -0.43
N THR A 30 -3.60 -9.28 0.86
CA THR A 30 -2.51 -9.93 1.55
C THR A 30 -2.99 -10.43 2.90
N GLY A 31 -2.16 -11.26 3.52
CA GLY A 31 -2.45 -11.71 4.86
C GLY A 31 -3.77 -12.43 4.91
N LYS A 32 -4.41 -12.32 6.08
CA LYS A 32 -5.78 -12.80 6.28
C LYS A 32 -6.72 -11.62 6.55
N ASN A 33 -6.36 -10.44 6.06
CA ASN A 33 -7.12 -9.23 6.40
C ASN A 33 -8.53 -9.29 5.88
N ALA A 34 -8.73 -9.71 4.63
CA ALA A 34 -10.07 -9.72 4.06
C ALA A 34 -10.99 -10.65 4.83
N ALA A 35 -10.50 -11.85 5.18
CA ALA A 35 -11.32 -12.81 5.90
C ALA A 35 -11.69 -12.30 7.29
N ILE A 36 -10.76 -11.65 7.99
CA ILE A 36 -11.04 -11.14 9.32
C ILE A 36 -12.02 -9.97 9.25
N ILE A 37 -11.88 -9.09 8.27
CA ILE A 37 -12.81 -7.98 8.11
C ILE A 37 -14.20 -8.51 7.78
N GLN A 38 -14.30 -9.47 6.86
CA GLN A 38 -15.58 -10.10 6.57
C GLN A 38 -16.25 -10.60 7.84
N ALA A 39 -15.49 -11.29 8.69
CA ALA A 39 -16.08 -11.92 9.86
C ALA A 39 -16.42 -10.90 10.95
N ASP A 40 -15.50 -10.00 11.23
CA ASP A 40 -15.47 -9.36 12.55
C ASP A 40 -15.78 -7.87 12.57
N PHE A 41 -15.76 -7.20 11.41
CA PHE A 41 -15.88 -5.76 11.36
C PHE A 41 -17.00 -5.35 10.43
N GLY A 42 -17.70 -4.28 10.80
CA GLY A 42 -18.92 -3.89 10.09
C GLY A 42 -18.76 -2.64 9.24
N MET A 43 -17.60 -2.02 9.28
CA MET A 43 -17.35 -0.76 8.57
C MET A 43 -15.88 -0.72 8.19
N VAL A 44 -15.58 -0.20 7.01
CA VAL A 44 -14.21 -0.04 6.57
C VAL A 44 -13.96 1.43 6.25
N TRP A 45 -12.73 1.86 6.50
CA TRP A 45 -12.23 3.20 6.24
C TRP A 45 -10.95 3.08 5.42
N PRO A 46 -10.70 3.97 4.47
CA PRO A 46 -9.45 3.92 3.69
C PRO A 46 -8.26 4.46 4.48
N GLU A 47 -7.24 3.61 4.63
N GLU A 47 -7.19 3.64 4.52
CA GLU A 47 -5.99 4.07 5.22
CA GLU A 47 -5.98 4.02 5.25
C GLU A 47 -5.50 5.32 4.50
C GLU A 47 -5.25 5.16 4.56
N ASN A 48 -5.23 5.16 3.22
CA ASN A 48 -4.57 6.20 2.44
C ASN A 48 -5.28 6.58 1.16
N SER A 49 -6.17 5.74 0.62
CA SER A 49 -6.59 5.93 -0.76
C SER A 49 -7.54 7.10 -0.97
N MET A 50 -8.06 7.73 0.08
CA MET A 50 -8.90 8.90 -0.11
C MET A 50 -8.23 10.18 0.39
N GLN A 51 -6.96 10.11 0.80
CA GLN A 51 -6.28 11.34 1.19
C GLN A 51 -6.00 12.20 -0.03
N TRP A 52 -5.65 13.46 0.22
CA TRP A 52 -5.54 14.44 -0.86
C TRP A 52 -4.43 14.07 -1.83
N ASP A 53 -3.27 13.65 -1.32
CA ASP A 53 -2.14 13.35 -2.22
C ASP A 53 -2.43 12.13 -3.08
N ALA A 54 -3.32 11.25 -2.64
CA ALA A 54 -3.65 10.05 -3.39
C ALA A 54 -4.71 10.36 -4.43
N THR A 55 -5.65 11.25 -4.09
CA THR A 55 -6.81 11.48 -4.96
C THR A 55 -6.65 12.66 -5.89
N GLU A 56 -5.86 13.67 -5.54
CA GLU A 56 -5.69 14.85 -6.41
C GLU A 56 -4.22 15.24 -6.42
N PRO A 57 -3.37 14.38 -7.00
CA PRO A 57 -1.92 14.63 -6.93
C PRO A 57 -1.50 15.85 -7.72
N SER A 58 -2.23 16.19 -8.77
N SER A 58 -2.22 16.16 -8.79
CA SER A 58 -2.10 17.47 -9.46
CA SER A 58 -2.14 17.44 -9.48
C SER A 58 -3.50 18.03 -9.63
C SER A 58 -3.54 18.04 -9.52
N GLN A 59 -3.61 19.36 -9.52
CA GLN A 59 -4.90 20.01 -9.42
C GLN A 59 -5.84 19.56 -10.54
N GLY A 60 -7.05 19.16 -10.17
CA GLY A 60 -8.04 18.78 -11.15
C GLY A 60 -7.75 17.51 -11.91
N ASN A 61 -6.72 16.76 -11.51
CA ASN A 61 -6.32 15.51 -12.15
C ASN A 61 -6.53 14.41 -11.12
N PHE A 62 -7.78 13.98 -10.97
CA PHE A 62 -8.15 13.09 -9.86
C PHE A 62 -7.85 11.63 -10.18
N ASN A 63 -7.49 10.88 -9.15
CA ASN A 63 -7.17 9.46 -9.27
C ASN A 63 -7.96 8.73 -8.20
N PHE A 64 -8.88 7.85 -8.61
N PHE A 64 -8.92 7.91 -8.63
CA PHE A 64 -9.72 7.10 -7.67
CA PHE A 64 -9.86 7.25 -7.74
C PHE A 64 -9.54 5.58 -7.78
C PHE A 64 -9.62 5.74 -7.62
N ALA A 65 -8.40 5.12 -8.30
N ALA A 65 -8.58 5.21 -8.28
CA ALA A 65 -8.22 3.68 -8.48
CA ALA A 65 -8.44 3.77 -8.42
C ALA A 65 -8.29 2.95 -7.15
C ALA A 65 -8.48 3.07 -7.06
N GLY A 66 -7.61 3.48 -6.13
CA GLY A 66 -7.57 2.80 -4.86
C GLY A 66 -8.88 2.93 -4.12
N ALA A 67 -9.47 4.14 -4.17
CA ALA A 67 -10.69 4.39 -3.44
C ALA A 67 -11.85 3.59 -4.03
N ASP A 68 -11.89 3.50 -5.36
CA ASP A 68 -12.93 2.71 -6.01
C ASP A 68 -12.83 1.25 -5.61
N TYR A 69 -11.61 0.72 -5.51
CA TYR A 69 -11.45 -0.67 -5.12
C TYR A 69 -12.09 -0.92 -3.76
N LEU A 70 -11.79 -0.05 -2.81
CA LEU A 70 -12.30 -0.25 -1.46
C LEU A 70 -13.80 -0.14 -1.41
N VAL A 71 -14.36 0.87 -2.09
CA VAL A 71 -15.80 1.05 -2.06
C VAL A 71 -16.50 -0.15 -2.68
N ASN A 72 -15.96 -0.64 -3.80
N ASN A 72 -15.97 -0.64 -3.80
CA ASN A 72 -16.56 -1.80 -4.44
CA ASN A 72 -16.56 -1.81 -4.45
C ASN A 72 -16.46 -3.04 -3.54
C ASN A 72 -16.46 -3.04 -3.55
N TRP A 73 -15.30 -3.25 -2.92
CA TRP A 73 -15.16 -4.38 -2.00
C TRP A 73 -16.15 -4.29 -0.85
N ALA A 74 -16.29 -3.11 -0.27
CA ALA A 74 -17.23 -2.93 0.84
C ALA A 74 -18.66 -3.22 0.42
N GLN A 75 -19.07 -2.74 -0.75
CA GLN A 75 -20.44 -2.98 -1.19
C GLN A 75 -20.67 -4.46 -1.45
N GLN A 76 -19.69 -5.13 -2.07
CA GLN A 76 -19.84 -6.55 -2.35
C GLN A 76 -19.96 -7.34 -1.06
N ASN A 77 -19.30 -6.89 0.01
CA ASN A 77 -19.26 -7.65 1.24
C ASN A 77 -20.20 -7.13 2.30
N GLY A 78 -21.05 -6.15 1.95
CA GLY A 78 -22.07 -5.64 2.86
C GLY A 78 -21.55 -4.82 4.01
N LYS A 79 -20.45 -4.11 3.82
CA LYS A 79 -19.88 -3.31 4.89
C LYS A 79 -20.23 -1.84 4.68
N LEU A 80 -20.42 -1.14 5.79
CA LEU A 80 -20.48 0.32 5.77
C LEU A 80 -19.11 0.89 5.39
N ILE A 81 -19.12 2.12 4.88
CA ILE A 81 -17.92 2.79 4.40
C ILE A 81 -17.79 4.14 5.07
N GLY A 82 -16.61 4.46 5.56
CA GLY A 82 -16.26 5.81 5.97
C GLY A 82 -15.22 6.34 5.01
N GLY A 83 -15.20 7.66 4.81
CA GLY A 83 -14.21 8.27 3.95
C GLY A 83 -13.53 9.45 4.62
N GLY A 84 -12.35 9.79 4.11
CA GLY A 84 -11.63 10.97 4.57
C GLY A 84 -10.15 10.76 4.34
N MET A 85 -9.35 11.77 4.72
N MET A 85 -9.36 11.77 4.75
N MET A 85 -9.36 11.77 4.73
CA MET A 85 -9.80 13.05 5.24
CA MET A 85 -9.82 13.05 5.29
CA MET A 85 -9.82 13.06 5.27
C MET A 85 -9.96 14.01 4.06
C MET A 85 -9.91 14.09 4.17
C MET A 85 -9.90 14.09 4.15
N LEU A 86 -11.03 14.80 4.07
CA LEU A 86 -11.21 15.75 2.98
C LEU A 86 -10.28 16.96 3.11
N VAL A 87 -10.11 17.49 4.32
CA VAL A 87 -9.30 18.69 4.56
C VAL A 87 -8.36 18.39 5.72
N TRP A 88 -7.07 18.32 5.43
CA TRP A 88 -6.02 17.94 6.38
CA TRP A 88 -6.10 18.37 6.51
C TRP A 88 -4.73 18.58 5.90
N HIS A 89 -3.83 18.92 6.80
CA HIS A 89 -2.52 19.44 6.39
C HIS A 89 -1.50 18.34 6.11
N SER A 90 -1.72 17.13 6.61
N SER A 90 -1.74 17.12 6.61
CA SER A 90 -0.84 16.03 6.27
CA SER A 90 -0.69 16.10 6.64
C SER A 90 -1.29 15.41 4.95
C SER A 90 -0.41 15.50 5.26
N PHE A 91 -0.34 14.79 4.26
N PHE A 91 -1.45 15.15 4.51
CA PHE A 91 -0.59 14.20 2.94
CA PHE A 91 -1.31 14.46 3.23
C PHE A 91 -1.12 15.24 1.95
C PHE A 91 -1.56 15.40 2.06
N LEU A 92 -0.81 16.52 2.18
N LEU A 92 -0.92 16.58 2.10
CA LEU A 92 -1.14 17.57 1.22
CA LEU A 92 -1.25 17.68 1.20
C LEU A 92 -0.10 17.60 0.10
C LEU A 92 -0.17 17.85 0.13
N PRO A 93 -0.51 17.69 -1.16
CA PRO A 93 0.48 17.93 -2.22
C PRO A 93 1.02 19.34 -2.18
N SER A 94 2.25 19.50 -2.70
CA SER A 94 2.89 20.80 -2.63
C SER A 94 2.14 21.86 -3.45
N TRP A 95 1.39 21.44 -4.49
CA TRP A 95 0.69 22.46 -5.27
C TRP A 95 -0.40 23.13 -4.45
N VAL A 96 -0.91 22.48 -3.41
CA VAL A 96 -1.89 23.12 -2.56
C VAL A 96 -1.22 24.09 -1.61
N SER A 97 -0.17 23.63 -0.93
N SER A 97 -0.13 23.66 -0.97
CA SER A 97 0.40 24.42 0.16
CA SER A 97 0.54 24.49 0.03
C SER A 97 1.16 25.65 -0.34
C SER A 97 1.12 25.76 -0.56
N SER A 98 1.34 25.80 -1.66
N SER A 98 1.41 25.78 -1.87
CA SER A 98 1.99 26.97 -2.23
CA SER A 98 2.01 26.94 -2.50
C SER A 98 1.00 28.07 -2.62
C SER A 98 0.99 28.01 -2.88
N ILE A 99 -0.30 27.78 -2.62
CA ILE A 99 -1.31 28.77 -2.97
C ILE A 99 -1.41 29.79 -1.85
N THR A 100 -1.34 31.08 -2.21
CA THR A 100 -1.41 32.17 -1.24
C THR A 100 -2.65 33.03 -1.39
N ASP A 101 -3.48 32.79 -2.39
CA ASP A 101 -4.64 33.61 -2.67
C ASP A 101 -5.90 33.00 -2.05
N LYS A 102 -6.67 33.81 -1.33
CA LYS A 102 -7.83 33.30 -0.61
C LYS A 102 -8.88 32.73 -1.55
N ASN A 103 -9.27 33.49 -2.59
N ASN A 103 -9.24 33.47 -2.60
CA ASN A 103 -10.28 32.99 -3.51
CA ASN A 103 -10.29 32.99 -3.50
C ASN A 103 -9.82 31.69 -4.16
C ASN A 103 -9.84 31.72 -4.21
N THR A 104 -8.56 31.64 -4.59
CA THR A 104 -8.05 30.45 -5.25
C THR A 104 -8.14 29.24 -4.34
N LEU A 105 -7.68 29.39 -3.10
CA LEU A 105 -7.64 28.22 -2.22
C LEU A 105 -9.04 27.81 -1.79
N THR A 106 -9.93 28.78 -1.58
CA THR A 106 -11.31 28.44 -1.26
C THR A 106 -11.94 27.61 -2.36
N ASN A 107 -11.72 27.98 -3.63
CA ASN A 107 -12.31 27.21 -4.73
C ASN A 107 -11.65 25.84 -4.89
N VAL A 108 -10.33 25.77 -4.66
CA VAL A 108 -9.64 24.48 -4.68
C VAL A 108 -10.21 23.55 -3.62
N MET A 109 -10.41 24.07 -2.40
CA MET A 109 -10.89 23.23 -1.31
C MET A 109 -12.32 22.77 -1.57
N LYS A 110 -13.18 23.67 -2.03
CA LYS A 110 -14.56 23.29 -2.31
C LYS A 110 -14.60 22.25 -3.42
N ASN A 111 -13.76 22.42 -4.45
CA ASN A 111 -13.76 21.46 -5.56
C ASN A 111 -13.27 20.10 -5.12
N HIS A 112 -12.26 20.07 -4.25
CA HIS A 112 -11.75 18.80 -3.75
C HIS A 112 -12.83 18.07 -2.96
N ILE A 113 -13.50 18.78 -2.05
CA ILE A 113 -14.58 18.19 -1.26
C ILE A 113 -15.69 17.69 -2.16
N THR A 114 -16.17 18.56 -3.05
CA THR A 114 -17.35 18.22 -3.84
C THR A 114 -17.06 17.06 -4.78
N THR A 115 -15.87 17.04 -5.38
CA THR A 115 -15.58 15.99 -6.34
C THR A 115 -15.55 14.63 -5.68
N LEU A 116 -14.89 14.50 -4.52
CA LEU A 116 -14.82 13.21 -3.84
C LEU A 116 -16.19 12.77 -3.36
N MET A 117 -16.95 13.71 -2.78
CA MET A 117 -18.21 13.32 -2.17
C MET A 117 -19.27 13.01 -3.21
N THR A 118 -19.23 13.69 -4.36
N THR A 118 -19.24 13.68 -4.36
CA THR A 118 -20.21 13.40 -5.42
CA THR A 118 -20.25 13.38 -5.38
C THR A 118 -19.96 12.03 -6.03
C THR A 118 -19.96 12.05 -6.08
N ARG A 119 -18.70 11.64 -6.19
CA ARG A 119 -18.39 10.37 -6.83
C ARG A 119 -19.04 9.21 -6.07
N TYR A 120 -19.08 9.32 -4.75
CA TYR A 120 -19.56 8.24 -3.90
C TYR A 120 -20.87 8.60 -3.22
N LYS A 121 -21.61 9.53 -3.80
CA LYS A 121 -22.84 10.03 -3.17
C LYS A 121 -23.80 8.89 -2.84
N GLY A 122 -24.25 8.88 -1.59
CA GLY A 122 -25.18 7.89 -1.12
C GLY A 122 -24.55 6.61 -0.62
N LYS A 123 -23.25 6.40 -0.86
CA LYS A 123 -22.58 5.14 -0.54
C LYS A 123 -21.74 5.22 0.73
N ILE A 124 -21.52 6.42 1.26
CA ILE A 124 -20.58 6.67 2.34
C ILE A 124 -21.37 7.07 3.58
N ARG A 125 -21.25 6.30 4.66
CA ARG A 125 -21.98 6.63 5.88
C ARG A 125 -21.44 7.89 6.52
N THR A 126 -20.13 7.98 6.63
CA THR A 126 -19.45 9.03 7.41
C THR A 126 -18.32 9.59 6.58
N TRP A 127 -18.24 10.92 6.50
CA TRP A 127 -17.08 11.59 5.96
C TRP A 127 -16.37 12.37 7.06
N ASP A 128 -15.07 12.16 7.19
N ASP A 128 -15.08 12.11 7.22
CA ASP A 128 -14.22 13.02 8.01
CA ASP A 128 -14.22 13.01 7.97
C ASP A 128 -13.86 14.22 7.15
C ASP A 128 -13.95 14.21 7.08
N VAL A 129 -14.52 15.35 7.43
CA VAL A 129 -14.39 16.54 6.60
C VAL A 129 -13.13 17.32 6.94
N VAL A 130 -12.91 17.59 8.23
CA VAL A 130 -11.76 18.35 8.70
C VAL A 130 -11.06 17.55 9.79
N GLY A 131 -9.74 17.44 9.70
CA GLY A 131 -8.97 16.74 10.72
C GLY A 131 -7.78 17.54 11.22
N GLU A 132 -7.49 17.34 12.51
CA GLU A 132 -6.30 17.87 13.16
C GLU A 132 -6.18 19.38 12.98
N ALA A 133 -7.28 20.07 13.24
CA ALA A 133 -7.38 21.51 13.08
C ALA A 133 -6.97 22.30 14.32
N PHE A 134 -6.71 21.64 15.45
CA PHE A 134 -6.37 22.30 16.69
C PHE A 134 -4.93 22.01 17.10
N ASN A 135 -4.26 23.03 17.65
CA ASN A 135 -3.01 22.83 18.37
C ASN A 135 -3.29 22.22 19.73
N GLU A 136 -2.20 21.79 20.39
CA GLU A 136 -2.33 21.16 21.70
C GLU A 136 -2.84 22.13 22.76
N ASP A 137 -2.60 23.43 22.59
CA ASP A 137 -3.08 24.43 23.53
C ASP A 137 -4.50 24.90 23.20
N GLY A 138 -5.15 24.30 22.21
CA GLY A 138 -6.52 24.61 21.88
C GLY A 138 -6.68 25.73 20.88
N SER A 139 -5.61 26.41 20.49
CA SER A 139 -5.69 27.34 19.39
C SER A 139 -5.83 26.58 18.08
N LEU A 140 -6.27 27.28 17.04
CA LEU A 140 -6.39 26.66 15.73
C LEU A 140 -5.01 26.51 15.10
N ARG A 141 -4.75 25.31 14.59
CA ARG A 141 -3.49 24.99 13.92
C ARG A 141 -3.30 25.86 12.67
N GLN A 142 -2.11 26.46 12.56
CA GLN A 142 -1.81 27.39 11.48
C GLN A 142 -1.37 26.61 10.23
N THR A 143 -2.36 26.01 9.58
CA THR A 143 -2.18 25.31 8.31
C THR A 143 -2.41 26.28 7.17
N VAL A 144 -2.14 25.82 5.94
CA VAL A 144 -2.33 26.71 4.79
C VAL A 144 -3.78 27.19 4.73
N PHE A 145 -4.74 26.33 5.11
CA PHE A 145 -6.13 26.72 5.05
C PHE A 145 -6.44 27.84 6.03
N LEU A 146 -5.96 27.71 7.27
CA LEU A 146 -6.16 28.79 8.23
C LEU A 146 -5.42 30.04 7.81
N ASN A 147 -4.19 29.90 7.34
CA ASN A 147 -3.36 31.05 7.03
C ASN A 147 -3.90 31.85 5.85
N VAL A 148 -4.49 31.18 4.86
CA VAL A 148 -4.88 31.83 3.62
C VAL A 148 -6.37 32.16 3.60
N ILE A 149 -7.22 31.24 4.07
CA ILE A 149 -8.66 31.46 4.07
C ILE A 149 -9.14 32.11 5.36
N GLY A 150 -8.52 31.77 6.49
CA GLY A 150 -8.98 32.21 7.80
C GLY A 150 -9.85 31.16 8.46
N GLU A 151 -10.28 31.47 9.67
CA GLU A 151 -11.01 30.47 10.43
C GLU A 151 -12.34 30.10 9.78
N ASP A 152 -12.80 30.88 8.80
CA ASP A 152 -14.00 30.51 8.07
C ASP A 152 -13.83 29.23 7.27
N TYR A 153 -12.61 28.72 7.13
CA TYR A 153 -12.43 27.55 6.27
C TYR A 153 -13.18 26.35 6.82
N ILE A 154 -13.39 26.28 8.12
CA ILE A 154 -14.04 25.11 8.70
C ILE A 154 -15.54 25.18 8.41
N PRO A 155 -16.25 26.27 8.71
CA PRO A 155 -17.64 26.37 8.24
C PRO A 155 -17.80 26.15 6.76
N ILE A 156 -16.92 26.75 5.93
CA ILE A 156 -17.06 26.58 4.49
C ILE A 156 -16.95 25.12 4.13
N ALA A 157 -16.01 24.40 4.74
CA ALA A 157 -15.82 23.00 4.36
C ALA A 157 -17.07 22.18 4.71
N PHE A 158 -17.66 22.41 5.88
CA PHE A 158 -18.82 21.62 6.27
C PHE A 158 -20.05 21.99 5.46
N GLN A 159 -20.25 23.28 5.18
N GLN A 159 -20.26 23.28 5.17
CA GLN A 159 -21.38 23.69 4.34
CA GLN A 159 -21.40 23.65 4.34
C GLN A 159 -21.25 23.07 2.95
C GLN A 159 -21.26 23.10 2.93
N THR A 160 -20.04 23.08 2.39
CA THR A 160 -19.82 22.49 1.08
C THR A 160 -20.10 20.99 1.09
N ALA A 161 -19.66 20.30 2.14
CA ALA A 161 -19.87 18.86 2.23
C ALA A 161 -21.35 18.51 2.36
N ARG A 162 -22.09 19.27 3.17
CA ARG A 162 -23.53 18.99 3.33
C ARG A 162 -24.24 19.10 1.99
N ALA A 163 -23.87 20.09 1.18
CA ALA A 163 -24.55 20.26 -0.09
C ALA A 163 -24.22 19.14 -1.05
N ALA A 164 -23.00 18.61 -0.96
CA ALA A 164 -22.54 17.60 -1.91
C ALA A 164 -23.24 16.26 -1.69
N ASP A 165 -23.41 15.86 -0.43
CA ASP A 165 -24.09 14.60 -0.13
C ASP A 165 -24.81 14.77 1.20
N PRO A 166 -26.09 15.16 1.17
N PRO A 166 -26.08 15.18 1.17
CA PRO A 166 -26.81 15.42 2.42
CA PRO A 166 -26.80 15.42 2.43
C PRO A 166 -27.16 14.16 3.21
C PRO A 166 -26.99 14.17 3.27
N ASN A 167 -26.84 12.98 2.70
CA ASN A 167 -27.07 11.74 3.41
C ASN A 167 -25.91 11.35 4.32
N ALA A 168 -24.72 11.92 4.08
CA ALA A 168 -23.55 11.53 4.84
C ALA A 168 -23.52 12.23 6.20
N LYS A 169 -23.00 11.55 7.20
CA LYS A 169 -22.71 12.19 8.47
C LYS A 169 -21.34 12.86 8.37
N LEU A 170 -21.27 14.13 8.79
CA LEU A 170 -20.07 14.95 8.62
C LEU A 170 -19.36 15.10 9.95
N TYR A 171 -18.07 14.73 9.99
CA TYR A 171 -17.31 14.76 11.24
C TYR A 171 -16.11 15.70 11.17
N ILE A 172 -15.80 16.27 12.33
CA ILE A 172 -14.49 16.82 12.62
C ILE A 172 -13.76 15.80 13.48
N MET A 173 -12.45 15.70 13.32
N MET A 173 -12.46 15.67 13.28
CA MET A 173 -11.66 14.69 13.99
CA MET A 173 -11.65 14.70 14.00
C MET A 173 -10.37 15.29 14.52
C MET A 173 -10.45 15.39 14.62
N ASP A 174 -9.92 14.80 15.68
CA ASP A 174 -8.62 15.20 16.21
C ASP A 174 -8.12 14.12 17.16
N TYR A 175 -6.83 14.20 17.48
CA TYR A 175 -6.16 13.33 18.43
C TYR A 175 -5.82 14.10 19.69
N ASN A 176 -5.38 13.35 20.71
CA ASN A 176 -5.11 13.87 22.05
C ASN A 176 -6.37 14.51 22.63
N LEU A 177 -7.50 13.86 22.41
CA LEU A 177 -8.76 14.20 23.05
C LEU A 177 -9.12 13.15 24.10
N ASP A 178 -8.11 12.57 24.74
CA ASP A 178 -8.28 11.40 25.57
C ASP A 178 -8.39 11.72 27.04
N SER A 179 -8.17 12.98 27.43
CA SER A 179 -8.25 13.43 28.80
C SER A 179 -9.21 14.62 28.84
N ALA A 180 -10.09 14.64 29.85
CA ALA A 180 -11.11 15.68 29.93
C ALA A 180 -10.51 17.06 30.21
N SER A 181 -9.40 17.12 30.94
N SER A 181 -9.40 17.12 30.94
CA SER A 181 -8.80 18.39 31.31
CA SER A 181 -8.82 18.39 31.30
C SER A 181 -7.76 18.88 30.33
C SER A 181 -7.93 18.97 30.21
N TYR A 182 -7.51 18.15 29.25
CA TYR A 182 -6.51 18.58 28.29
C TYR A 182 -7.03 19.80 27.52
N PRO A 183 -6.19 20.81 27.28
CA PRO A 183 -6.69 22.02 26.60
C PRO A 183 -7.32 21.76 25.25
N LYS A 184 -6.81 20.81 24.46
CA LYS A 184 -7.40 20.55 23.16
C LYS A 184 -8.83 20.01 23.29
N THR A 185 -9.06 19.15 24.29
CA THR A 185 -10.40 18.62 24.52
C THR A 185 -11.40 19.72 24.80
N GLN A 186 -11.04 20.63 25.72
CA GLN A 186 -11.89 21.76 26.06
C GLN A 186 -12.20 22.59 24.82
N ALA A 187 -11.19 22.88 24.01
CA ALA A 187 -11.35 23.79 22.89
C ALA A 187 -12.25 23.20 21.81
N ILE A 188 -12.05 21.92 21.46
CA ILE A 188 -12.88 21.40 20.39
C ILE A 188 -14.34 21.35 20.82
N VAL A 189 -14.59 21.03 22.10
CA VAL A 189 -15.97 21.05 22.59
C VAL A 189 -16.56 22.44 22.46
N ASN A 190 -15.81 23.47 22.90
CA ASN A 190 -16.34 24.83 22.89
C ASN A 190 -16.57 25.33 21.47
N ARG A 191 -15.63 25.06 20.56
CA ARG A 191 -15.75 25.56 19.21
C ARG A 191 -16.87 24.84 18.47
N VAL A 192 -17.03 23.53 18.69
CA VAL A 192 -18.09 22.81 18.00
C VAL A 192 -19.46 23.29 18.50
N LYS A 193 -19.60 23.57 19.80
CA LYS A 193 -20.83 24.16 20.30
C LYS A 193 -21.15 25.45 19.55
N GLN A 194 -20.14 26.32 19.40
N GLN A 194 -20.15 26.33 19.41
CA GLN A 194 -20.36 27.61 18.75
CA GLN A 194 -20.38 27.61 18.75
C GLN A 194 -20.69 27.44 17.28
C GLN A 194 -20.73 27.41 17.27
N TRP A 195 -19.96 26.57 16.58
CA TRP A 195 -20.23 26.35 15.16
C TRP A 195 -21.65 25.83 14.94
N ARG A 196 -22.06 24.83 15.73
CA ARG A 196 -23.40 24.29 15.57
C ARG A 196 -24.47 25.33 15.89
N ALA A 197 -24.22 26.18 16.88
CA ALA A 197 -25.19 27.21 17.25
C ALA A 197 -25.40 28.20 16.11
N ALA A 198 -24.38 28.37 15.25
CA ALA A 198 -24.48 29.23 14.08
C ALA A 198 -24.95 28.47 12.85
N GLY A 199 -25.38 27.22 13.02
CA GLY A 199 -25.91 26.43 11.92
C GLY A 199 -24.90 25.67 11.09
N VAL A 200 -23.64 25.58 11.52
CA VAL A 200 -22.68 24.79 10.75
C VAL A 200 -23.02 23.32 10.90
N PRO A 201 -23.10 22.55 9.80
CA PRO A 201 -23.55 21.15 9.88
C PRO A 201 -22.45 20.17 10.28
N ILE A 202 -22.09 20.18 11.57
CA ILE A 202 -21.15 19.22 12.13
C ILE A 202 -21.97 18.15 12.83
N ASP A 203 -21.97 16.96 12.27
CA ASP A 203 -22.78 15.88 12.81
C ASP A 203 -22.05 15.08 13.86
N GLY A 204 -20.72 15.07 13.83
CA GLY A 204 -19.99 14.26 14.79
C GLY A 204 -18.63 14.79 15.11
N ILE A 205 -18.14 14.37 16.28
CA ILE A 205 -16.74 14.51 16.65
C ILE A 205 -16.14 13.11 16.70
N GLY A 206 -15.05 12.92 15.96
CA GLY A 206 -14.31 11.67 15.94
C GLY A 206 -13.03 11.84 16.73
N SER A 207 -12.82 10.98 17.71
CA SER A 207 -11.64 11.04 18.56
C SER A 207 -10.64 10.02 18.05
N GLN A 208 -9.50 10.52 17.54
N GLN A 208 -9.59 10.53 17.39
CA GLN A 208 -8.44 9.70 16.96
CA GLN A 208 -8.43 9.72 16.99
C GLN A 208 -7.58 9.23 18.13
C GLN A 208 -7.74 9.29 18.27
N THR A 209 -7.84 8.01 18.59
CA THR A 209 -7.43 7.54 19.91
C THR A 209 -6.19 6.67 19.80
N HIS A 210 -5.04 7.27 20.03
CA HIS A 210 -3.76 6.56 20.06
C HIS A 210 -3.27 6.62 21.50
N LEU A 211 -3.41 5.51 22.22
CA LEU A 211 -3.13 5.49 23.64
C LEU A 211 -1.82 4.79 23.98
N SER A 212 -1.21 5.28 25.05
N SER A 212 -1.21 5.26 25.06
CA SER A 212 -0.16 4.57 25.75
CA SER A 212 -0.15 4.53 25.71
C SER A 212 -0.77 3.68 26.83
C SER A 212 -0.75 3.72 26.87
N ALA A 213 0.04 2.79 27.38
CA ALA A 213 -0.46 1.88 28.41
C ALA A 213 -1.03 2.67 29.57
N GLY A 214 -2.23 2.28 30.00
CA GLY A 214 -2.88 2.89 31.13
C GLY A 214 -3.77 4.08 30.81
N GLN A 215 -3.73 4.59 29.60
CA GLN A 215 -4.51 5.79 29.27
C GLN A 215 -5.99 5.51 28.97
N GLY A 216 -6.41 4.25 28.86
CA GLY A 216 -7.82 4.00 28.57
C GLY A 216 -8.76 4.53 29.63
N ALA A 217 -8.34 4.53 30.90
CA ALA A 217 -9.22 4.98 31.97
C ALA A 217 -9.66 6.42 31.76
N GLY A 218 -8.79 7.26 31.22
CA GLY A 218 -9.16 8.66 31.03
C GLY A 218 -10.27 8.84 30.00
N VAL A 219 -10.40 7.90 29.07
CA VAL A 219 -11.41 8.04 28.03
C VAL A 219 -12.81 7.92 28.62
N LEU A 220 -12.95 7.23 29.74
CA LEU A 220 -14.25 7.13 30.40
C LEU A 220 -14.80 8.50 30.78
N GLN A 221 -13.93 9.47 31.06
N GLN A 221 -13.92 9.46 31.07
CA GLN A 221 -14.38 10.82 31.38
CA GLN A 221 -14.35 10.83 31.38
C GLN A 221 -14.25 11.79 30.21
C GLN A 221 -14.32 11.73 30.15
N ALA A 222 -13.35 11.53 29.27
CA ALA A 222 -13.18 12.42 28.12
C ALA A 222 -14.31 12.26 27.11
N LEU A 223 -14.72 11.03 26.84
CA LEU A 223 -15.72 10.86 25.81
C LEU A 223 -17.06 11.48 26.18
N PRO A 224 -17.58 11.34 27.41
CA PRO A 224 -18.80 12.09 27.77
C PRO A 224 -18.64 13.58 27.59
N LEU A 225 -17.44 14.11 27.86
CA LEU A 225 -17.24 15.54 27.67
C LEU A 225 -17.32 15.93 26.19
N LEU A 226 -16.69 15.14 25.31
CA LEU A 226 -16.84 15.38 23.89
C LEU A 226 -18.30 15.36 23.47
N ALA A 227 -19.08 14.43 24.03
CA ALA A 227 -20.49 14.33 23.64
C ALA A 227 -21.30 15.51 24.13
N SER A 228 -20.79 16.27 25.12
CA SER A 228 -21.54 17.41 25.63
C SER A 228 -21.58 18.57 24.64
N ALA A 229 -20.79 18.52 23.58
CA ALA A 229 -20.85 19.55 22.55
C ALA A 229 -22.18 19.52 21.81
N GLY A 230 -22.91 18.40 21.89
CA GLY A 230 -24.25 18.31 21.34
C GLY A 230 -24.33 17.81 19.91
N THR A 231 -23.24 17.32 19.34
CA THR A 231 -23.37 16.69 18.04
C THR A 231 -24.26 15.44 18.17
N PRO A 232 -24.95 15.07 17.09
CA PRO A 232 -25.74 13.84 17.10
C PRO A 232 -24.91 12.60 17.36
N GLU A 233 -23.66 12.55 16.92
CA GLU A 233 -22.80 11.40 17.07
C GLU A 233 -21.43 11.80 17.61
N VAL A 234 -20.81 10.87 18.32
CA VAL A 234 -19.36 10.86 18.50
C VAL A 234 -18.87 9.46 18.16
N SER A 235 -17.55 9.35 17.98
N SER A 235 -17.56 9.35 17.91
CA SER A 235 -16.99 8.03 17.69
CA SER A 235 -17.02 8.05 17.56
C SER A 235 -15.54 7.98 18.14
C SER A 235 -15.53 8.03 17.88
N ILE A 236 -15.05 6.74 18.26
N ILE A 236 -15.05 6.87 18.30
CA ILE A 236 -13.64 6.44 18.43
CA ILE A 236 -13.63 6.62 18.52
C ILE A 236 -13.08 6.05 17.07
C ILE A 236 -13.08 5.93 17.30
N LEU A 237 -11.99 6.68 16.65
N LEU A 237 -12.07 6.53 16.68
CA LEU A 237 -11.40 6.44 15.34
CA LEU A 237 -11.52 5.99 15.45
C LEU A 237 -9.92 6.10 15.45
C LEU A 237 -10.00 5.93 15.53
N MET A 238 -9.43 5.30 14.51
CA MET A 238 -8.01 5.01 14.40
C MET A 238 -7.42 4.52 15.73
N LEU A 239 -8.19 3.69 16.44
CA LEU A 239 -7.78 3.25 17.79
C LEU A 239 -6.60 2.28 17.75
N ASP A 240 -5.57 2.57 18.56
CA ASP A 240 -4.57 1.57 18.89
C ASP A 240 -4.02 1.91 20.27
N VAL A 241 -3.43 0.91 20.92
CA VAL A 241 -3.04 1.00 22.33
C VAL A 241 -1.69 0.32 22.47
N ALA A 242 -0.65 1.08 22.81
CA ALA A 242 0.65 0.48 23.08
C ALA A 242 0.54 -0.60 24.13
N GLY A 243 1.01 -1.81 23.79
CA GLY A 243 0.95 -2.97 24.63
C GLY A 243 -0.34 -3.77 24.50
N ALA A 244 -1.40 -3.16 23.96
CA ALA A 244 -2.70 -3.80 23.75
C ALA A 244 -3.26 -4.46 25.01
N SER A 245 -3.14 -3.79 26.15
N SER A 245 -3.15 -3.80 26.15
CA SER A 245 -3.68 -4.36 27.37
CA SER A 245 -3.63 -4.40 27.39
C SER A 245 -5.20 -4.52 27.24
C SER A 245 -5.17 -4.49 27.36
N PRO A 246 -5.75 -5.65 27.65
CA PRO A 246 -7.22 -5.73 27.73
C PRO A 246 -7.85 -4.62 28.54
N THR A 247 -7.18 -4.16 29.61
CA THR A 247 -7.75 -3.14 30.48
C THR A 247 -7.99 -1.84 29.71
N ASP A 248 -7.03 -1.46 28.89
CA ASP A 248 -7.17 -0.23 28.11
C ASP A 248 -8.23 -0.38 27.04
N TYR A 249 -8.21 -1.51 26.31
CA TYR A 249 -9.19 -1.72 25.26
C TYR A 249 -10.61 -1.82 25.81
N VAL A 250 -10.79 -2.53 26.92
CA VAL A 250 -12.14 -2.64 27.47
C VAL A 250 -12.63 -1.29 27.98
N ASN A 251 -11.73 -0.45 28.51
CA ASN A 251 -12.14 0.86 28.98
C ASN A 251 -12.62 1.73 27.82
N VAL A 252 -11.97 1.63 26.66
CA VAL A 252 -12.41 2.43 25.52
C VAL A 252 -13.78 1.95 25.05
N VAL A 253 -14.01 0.63 25.00
CA VAL A 253 -15.30 0.11 24.59
C VAL A 253 -16.37 0.55 25.58
N ASN A 254 -16.08 0.45 26.89
CA ASN A 254 -17.08 0.83 27.90
C ASN A 254 -17.40 2.31 27.83
N ALA A 255 -16.41 3.14 27.51
CA ALA A 255 -16.68 4.56 27.33
C ALA A 255 -17.70 4.79 26.23
N CYS A 256 -17.58 4.08 25.11
CA CYS A 256 -18.55 4.23 24.04
C CYS A 256 -19.91 3.67 24.46
N LEU A 257 -19.92 2.52 25.14
CA LEU A 257 -21.19 1.98 25.61
C LEU A 257 -21.88 2.94 26.57
N ASN A 258 -21.10 3.69 27.35
CA ASN A 258 -21.67 4.59 28.35
C ASN A 258 -22.20 5.89 27.75
N VAL A 259 -21.87 6.20 26.50
CA VAL A 259 -22.20 7.47 25.87
C VAL A 259 -23.22 7.20 24.79
N GLN A 260 -24.45 7.68 25.00
N GLN A 260 -24.44 7.70 24.98
CA GLN A 260 -25.54 7.30 24.10
CA GLN A 260 -25.54 7.29 24.10
C GLN A 260 -25.22 7.68 22.66
C GLN A 260 -25.28 7.71 22.66
N SER A 261 -24.59 8.84 22.45
CA SER A 261 -24.30 9.33 21.11
C SER A 261 -23.08 8.70 20.48
N CYS A 262 -22.37 7.82 21.19
CA CYS A 262 -21.25 7.10 20.58
C CYS A 262 -21.81 6.01 19.67
N VAL A 263 -21.58 6.14 18.36
CA VAL A 263 -22.12 5.17 17.42
C VAL A 263 -21.20 3.98 17.20
N GLY A 264 -19.93 4.08 17.52
CA GLY A 264 -19.06 2.95 17.26
C GLY A 264 -17.59 3.30 17.36
N ILE A 265 -16.78 2.28 17.07
CA ILE A 265 -15.35 2.29 17.29
C ILE A 265 -14.69 1.75 16.04
N THR A 266 -13.62 2.41 15.58
CA THR A 266 -12.80 1.93 14.48
C THR A 266 -11.36 1.73 14.96
N VAL A 267 -10.76 0.57 14.68
CA VAL A 267 -9.37 0.32 15.04
C VAL A 267 -8.46 0.61 13.84
N PHE A 268 -7.20 0.93 14.12
N PHE A 268 -7.22 0.98 14.16
CA PHE A 268 -6.31 1.50 13.10
CA PHE A 268 -6.21 1.42 13.19
C PHE A 268 -5.78 0.48 12.10
C PHE A 268 -5.44 0.24 12.60
N GLY A 269 -6.17 -0.77 12.20
CA GLY A 269 -5.63 -1.84 11.38
C GLY A 269 -6.01 -3.16 11.99
N VAL A 270 -5.70 -4.23 11.27
CA VAL A 270 -6.03 -5.58 11.72
C VAL A 270 -4.90 -6.17 12.57
N ALA A 271 -3.71 -6.37 12.00
CA ALA A 271 -2.68 -7.15 12.69
C ALA A 271 -1.43 -6.34 13.02
N ASP A 272 -0.89 -6.61 14.21
CA ASP A 272 0.30 -5.94 14.74
C ASP A 272 1.40 -5.67 13.73
N PRO A 273 1.83 -6.63 12.89
CA PRO A 273 2.99 -6.36 12.03
C PRO A 273 2.76 -5.26 11.02
N ASP A 274 1.52 -4.87 10.76
CA ASP A 274 1.23 -3.84 9.78
C ASP A 274 0.99 -2.49 10.42
N SER A 275 1.23 -2.37 11.70
CA SER A 275 1.11 -1.11 12.41
C SER A 275 2.27 -0.17 12.11
N VAL A 276 1.99 1.14 12.11
CA VAL A 276 3.06 2.12 12.07
C VAL A 276 3.90 2.08 13.35
N ARG A 277 3.37 1.54 14.45
CA ARG A 277 4.17 1.35 15.64
C ARG A 277 4.14 -0.11 16.07
N ALA A 278 4.56 -0.97 15.15
CA ALA A 278 4.46 -2.41 15.36
C ALA A 278 5.25 -2.87 16.58
N SER A 279 6.34 -2.18 16.94
CA SER A 279 7.10 -2.64 18.09
C SER A 279 6.27 -2.60 19.37
N THR A 280 5.19 -1.80 19.42
CA THR A 280 4.35 -1.72 20.60
C THR A 280 3.18 -2.70 20.54
N THR A 281 3.14 -3.58 19.53
CA THR A 281 2.09 -4.57 19.30
C THR A 281 0.74 -4.04 19.75
N PRO A 282 0.22 -3.01 19.09
CA PRO A 282 -0.88 -2.23 19.65
C PRO A 282 -2.28 -2.59 19.14
N LEU A 283 -2.43 -3.61 18.31
CA LEU A 283 -3.68 -3.94 17.66
C LEU A 283 -4.29 -5.21 18.27
N LEU A 284 -5.41 -5.65 17.69
CA LEU A 284 -6.20 -6.73 18.27
C LEU A 284 -5.88 -8.12 17.73
N PHE A 285 -5.10 -8.22 16.65
CA PHE A 285 -4.69 -9.50 16.07
C PHE A 285 -3.17 -9.52 15.99
N ASP A 286 -2.57 -10.68 16.26
CA ASP A 286 -1.12 -10.80 16.29
C ASP A 286 -0.58 -11.11 14.88
N GLY A 287 0.71 -11.41 14.79
CA GLY A 287 1.36 -11.59 13.51
C GLY A 287 1.02 -12.91 12.84
N ASN A 288 0.34 -13.80 13.55
CA ASN A 288 -0.25 -15.00 12.97
C ASN A 288 -1.73 -14.82 12.65
N PHE A 289 -2.25 -13.61 12.81
CA PHE A 289 -3.67 -13.28 12.62
C PHE A 289 -4.56 -13.99 13.62
N ASN A 290 -4.00 -14.34 14.80
CA ASN A 290 -4.85 -14.87 15.86
C ASN A 290 -5.38 -13.72 16.71
N PRO A 291 -6.60 -13.83 17.24
N PRO A 291 -6.61 -13.82 17.20
CA PRO A 291 -7.10 -12.76 18.10
CA PRO A 291 -7.10 -12.80 18.14
C PRO A 291 -6.37 -12.75 19.43
C PRO A 291 -6.22 -12.77 19.37
N LYS A 292 -5.97 -11.55 19.86
CA LYS A 292 -5.18 -11.38 21.06
C LYS A 292 -6.06 -11.36 22.28
N PRO A 293 -5.49 -11.43 23.47
CA PRO A 293 -6.31 -11.38 24.68
C PRO A 293 -7.22 -10.18 24.72
N ALA A 294 -6.79 -9.04 24.18
CA ALA A 294 -7.65 -7.85 24.18
C ALA A 294 -8.90 -8.04 23.32
N TYR A 295 -8.79 -8.75 22.19
CA TYR A 295 -9.96 -9.04 21.37
C TYR A 295 -10.95 -9.88 22.14
N ASN A 296 -10.46 -10.94 22.78
CA ASN A 296 -11.33 -11.83 23.54
C ASN A 296 -11.98 -11.09 24.71
N ALA A 297 -11.25 -10.13 25.29
CA ALA A 297 -11.79 -9.37 26.40
C ALA A 297 -12.94 -8.46 25.95
N ILE A 298 -12.81 -7.87 24.76
CA ILE A 298 -13.88 -7.04 24.24
C ILE A 298 -15.10 -7.88 23.94
N VAL A 299 -14.89 -9.06 23.32
CA VAL A 299 -15.99 -9.98 23.06
C VAL A 299 -16.72 -10.27 24.36
N GLN A 300 -15.98 -10.64 25.40
CA GLN A 300 -16.58 -11.05 26.66
C GLN A 300 -17.34 -9.89 27.30
N ASP A 301 -16.76 -8.69 27.25
CA ASP A 301 -17.43 -7.50 27.77
C ASP A 301 -18.74 -7.23 27.04
N LEU A 302 -18.75 -7.43 25.72
CA LEU A 302 -19.95 -7.13 24.95
C LEU A 302 -21.01 -8.21 25.12
N GLN A 303 -20.59 -9.47 25.33
CA GLN A 303 -21.54 -10.55 25.58
C GLN A 303 -22.28 -10.35 26.90
N GLN A 304 -21.59 -9.85 27.92
CA GLN A 304 -22.20 -9.56 29.21
C GLN A 304 -22.89 -8.19 29.21
N ALA B 4 21.36 -11.91 12.71
CA ALA B 4 22.62 -11.21 12.94
C ALA B 4 23.41 -11.05 11.63
N GLN B 5 23.46 -12.12 10.83
CA GLN B 5 24.18 -12.10 9.57
C GLN B 5 23.29 -11.61 8.44
N SER B 6 23.89 -10.90 7.49
CA SER B 6 23.19 -10.34 6.35
C SER B 6 23.37 -11.26 5.15
N VAL B 7 22.26 -11.75 4.60
CA VAL B 7 22.39 -12.62 3.43
C VAL B 7 22.93 -11.85 2.23
N ASP B 8 22.70 -10.54 2.16
CA ASP B 8 23.27 -9.76 1.06
C ASP B 8 24.79 -9.65 1.20
N GLN B 9 25.28 -9.34 2.41
CA GLN B 9 26.73 -9.30 2.61
C GLN B 9 27.37 -10.64 2.26
N LEU B 10 26.73 -11.73 2.68
CA LEU B 10 27.30 -13.05 2.46
C LEU B 10 27.27 -13.46 1.00
N ILE B 11 26.22 -13.08 0.26
CA ILE B 11 26.16 -13.52 -1.13
C ILE B 11 27.09 -12.68 -1.99
N LYS B 12 27.33 -11.41 -1.61
CA LYS B 12 28.34 -10.60 -2.27
C LYS B 12 29.75 -11.17 -2.05
N ALA B 13 30.01 -11.63 -0.84
CA ALA B 13 31.31 -12.23 -0.55
C ALA B 13 31.54 -13.50 -1.34
N ARG B 14 30.49 -14.16 -1.79
CA ARG B 14 30.58 -15.32 -2.66
C ARG B 14 30.60 -14.96 -4.14
N GLY B 15 30.61 -13.66 -4.45
CA GLY B 15 30.82 -13.21 -5.81
C GLY B 15 29.57 -12.82 -6.56
N LYS B 16 28.43 -12.76 -5.89
CA LYS B 16 27.20 -12.32 -6.53
C LYS B 16 26.96 -10.85 -6.25
N VAL B 17 25.93 -10.31 -6.89
CA VAL B 17 25.68 -8.88 -6.84
C VAL B 17 24.75 -8.52 -5.68
N TYR B 18 23.70 -9.28 -5.42
CA TYR B 18 22.72 -8.86 -4.42
C TYR B 18 21.86 -10.02 -3.94
N PHE B 19 21.35 -9.85 -2.72
CA PHE B 19 20.16 -10.51 -2.23
C PHE B 19 19.14 -9.40 -1.98
N GLY B 20 18.04 -9.40 -2.73
CA GLY B 20 17.13 -8.28 -2.74
C GLY B 20 15.73 -8.62 -2.26
N VAL B 21 14.87 -7.59 -2.27
CA VAL B 21 13.51 -7.74 -1.76
C VAL B 21 12.59 -6.76 -2.46
N CYS B 22 11.30 -7.10 -2.46
N CYS B 22 11.34 -7.17 -2.61
CA CYS B 22 10.25 -6.32 -3.10
CA CYS B 22 10.29 -6.28 -3.08
C CYS B 22 9.48 -5.53 -2.03
C CYS B 22 9.75 -5.47 -1.90
N THR B 23 9.46 -4.20 -2.16
CA THR B 23 8.92 -3.32 -1.12
C THR B 23 8.31 -2.08 -1.77
N ASP B 24 7.83 -1.16 -0.95
CA ASP B 24 7.28 0.11 -1.42
C ASP B 24 6.99 0.96 -0.18
N GLN B 25 6.48 2.16 -0.40
CA GLN B 25 6.38 3.14 0.68
C GLN B 25 5.56 2.61 1.85
N ASN B 26 4.45 1.92 1.61
N ASN B 26 4.45 1.92 1.57
CA ASN B 26 3.65 1.50 2.75
CA ASN B 26 3.59 1.40 2.62
C ASN B 26 4.42 0.52 3.64
C ASN B 26 4.37 0.51 3.58
N ARG B 27 5.16 -0.41 3.03
CA ARG B 27 5.95 -1.34 3.86
C ARG B 27 7.05 -0.62 4.62
N LEU B 28 7.71 0.35 3.97
CA LEU B 28 8.85 1.00 4.59
C LEU B 28 8.45 1.87 5.77
N THR B 29 7.18 2.22 5.87
CA THR B 29 6.69 3.03 6.97
C THR B 29 5.92 2.22 8.01
N THR B 30 5.88 0.89 7.87
CA THR B 30 5.16 0.07 8.83
C THR B 30 6.02 -1.11 9.24
N GLY B 31 5.56 -1.82 10.27
CA GLY B 31 6.25 -3.00 10.72
C GLY B 31 7.69 -2.68 11.09
N LYS B 32 8.57 -3.65 10.84
CA LYS B 32 10.00 -3.49 10.98
C LYS B 32 10.70 -3.68 9.65
N ASN B 33 9.97 -3.42 8.56
CA ASN B 33 10.49 -3.72 7.23
C ASN B 33 11.73 -2.89 6.91
N ALA B 34 11.71 -1.59 7.18
CA ALA B 34 12.84 -0.75 6.80
C ALA B 34 14.11 -1.21 7.51
N ALA B 35 14.01 -1.54 8.80
CA ALA B 35 15.20 -1.95 9.54
C ALA B 35 15.80 -3.23 8.98
N ILE B 36 14.94 -4.20 8.63
CA ILE B 36 15.42 -5.47 8.11
C ILE B 36 16.03 -5.29 6.72
N ILE B 37 15.38 -4.50 5.88
CA ILE B 37 15.94 -4.25 4.55
C ILE B 37 17.29 -3.55 4.66
N GLN B 38 17.36 -2.50 5.50
N GLN B 38 17.38 -2.52 5.51
CA GLN B 38 18.62 -1.82 5.76
CA GLN B 38 18.68 -1.87 5.63
C GLN B 38 19.70 -2.82 6.13
C GLN B 38 19.74 -2.87 6.08
N ALA B 39 19.40 -3.74 7.04
CA ALA B 39 20.41 -4.62 7.60
C ALA B 39 20.82 -5.75 6.67
N ASP B 40 19.84 -6.36 5.98
CA ASP B 40 20.02 -7.69 5.42
C ASP B 40 19.93 -7.79 3.90
N PHE B 41 19.43 -6.76 3.19
CA PHE B 41 19.16 -6.84 1.76
C PHE B 41 19.87 -5.71 1.02
N GLY B 42 20.29 -6.01 -0.20
CA GLY B 42 21.14 -5.08 -0.92
C GLY B 42 20.48 -4.40 -2.10
N MET B 43 19.25 -4.81 -2.43
CA MET B 43 18.55 -4.27 -3.59
C MET B 43 17.08 -4.25 -3.27
N VAL B 44 16.40 -3.20 -3.73
CA VAL B 44 14.95 -3.11 -3.56
C VAL B 44 14.31 -2.97 -4.93
N TRP B 45 13.09 -3.50 -5.02
CA TRP B 45 12.27 -3.48 -6.22
C TRP B 45 10.88 -3.02 -5.81
N PRO B 46 10.21 -2.18 -6.61
CA PRO B 46 8.88 -1.70 -6.24
C PRO B 46 7.79 -2.73 -6.47
N GLU B 47 6.99 -2.99 -5.43
CA GLU B 47 5.81 -3.85 -5.57
C GLU B 47 4.89 -3.32 -6.65
N ASN B 48 4.42 -2.09 -6.46
CA ASN B 48 3.38 -1.50 -7.27
C ASN B 48 3.69 -0.13 -7.84
N SER B 49 4.65 0.62 -7.29
CA SER B 49 4.73 2.05 -7.58
C SER B 49 5.28 2.40 -8.96
N MET B 50 5.84 1.45 -9.70
CA MET B 50 6.29 1.73 -11.06
C MET B 50 5.45 1.03 -12.11
N GLN B 51 4.34 0.41 -11.72
CA GLN B 51 3.47 -0.20 -12.70
C GLN B 51 2.73 0.89 -13.49
N TRP B 52 2.18 0.50 -14.64
CA TRP B 52 1.64 1.49 -15.57
C TRP B 52 0.47 2.26 -14.96
N ASP B 53 -0.44 1.56 -14.26
CA ASP B 53 -1.61 2.26 -13.73
C ASP B 53 -1.21 3.28 -12.67
N ALA B 54 -0.12 3.03 -11.95
CA ALA B 54 0.33 3.97 -10.94
C ALA B 54 1.10 5.14 -11.55
N THR B 55 1.84 4.92 -12.62
CA THR B 55 2.74 5.96 -13.13
C THR B 55 2.17 6.78 -14.26
N GLU B 56 1.21 6.28 -15.02
CA GLU B 56 0.64 7.02 -16.15
C GLU B 56 -0.87 6.84 -16.18
N PRO B 57 -1.58 7.44 -15.23
CA PRO B 57 -3.03 7.18 -15.13
C PRO B 57 -3.85 7.80 -16.25
N SER B 58 -3.34 8.81 -16.93
N SER B 58 -3.34 8.82 -16.92
CA SER B 58 -3.94 9.30 -18.17
CA SER B 58 -3.91 9.36 -18.13
C SER B 58 -2.81 9.58 -19.15
C SER B 58 -2.78 9.51 -19.15
N GLN B 59 -3.15 9.56 -20.43
CA GLN B 59 -2.11 9.57 -21.46
C GLN B 59 -1.20 10.78 -21.34
N GLY B 60 0.09 10.51 -21.17
CA GLY B 60 1.12 11.52 -21.11
C GLY B 60 1.23 12.23 -19.79
N ASN B 61 0.39 11.89 -18.82
CA ASN B 61 0.33 12.57 -17.52
C ASN B 61 0.86 11.59 -16.49
N PHE B 62 2.03 11.87 -15.94
CA PHE B 62 2.72 10.90 -15.11
C PHE B 62 2.63 11.27 -13.64
N ASN B 63 2.71 10.24 -12.80
CA ASN B 63 2.63 10.38 -11.35
C ASN B 63 3.76 9.56 -10.76
N PHE B 64 4.77 10.22 -10.18
N PHE B 64 4.78 10.25 -10.22
CA PHE B 64 5.96 9.53 -9.70
CA PHE B 64 6.01 9.61 -9.78
C PHE B 64 6.14 9.63 -8.19
C PHE B 64 6.13 9.52 -8.26
N ALA B 65 5.09 9.96 -7.44
N ALA B 65 5.15 9.99 -7.50
CA ALA B 65 5.25 10.17 -6.01
CA ALA B 65 5.32 10.16 -6.05
C ALA B 65 5.76 8.90 -5.32
C ALA B 65 5.83 8.88 -5.39
N GLY B 66 5.13 7.76 -5.61
CA GLY B 66 5.52 6.53 -4.95
C GLY B 66 6.86 6.01 -5.41
N ALA B 67 7.12 6.04 -6.72
CA ALA B 67 8.41 5.60 -7.23
C ALA B 67 9.54 6.46 -6.70
N ASP B 68 9.34 7.78 -6.69
CA ASP B 68 10.33 8.70 -6.14
C ASP B 68 10.68 8.35 -4.71
N TYR B 69 9.67 8.05 -3.90
CA TYR B 69 9.92 7.70 -2.51
C TYR B 69 10.86 6.50 -2.42
N LEU B 70 10.58 5.47 -3.22
CA LEU B 70 11.40 4.26 -3.14
C LEU B 70 12.83 4.53 -3.60
N VAL B 71 12.99 5.27 -4.70
CA VAL B 71 14.31 5.54 -5.24
C VAL B 71 15.12 6.38 -4.26
N ASN B 72 14.50 7.41 -3.66
N ASN B 72 14.49 7.39 -3.66
CA ASN B 72 15.21 8.20 -2.67
CA ASN B 72 15.19 8.21 -2.67
C ASN B 72 15.58 7.37 -1.44
C ASN B 72 15.54 7.42 -1.43
N TRP B 73 14.66 6.51 -0.99
CA TRP B 73 14.96 5.69 0.18
C TRP B 73 16.16 4.78 -0.12
N ALA B 74 16.18 4.18 -1.30
CA ALA B 74 17.27 3.29 -1.68
C ALA B 74 18.59 4.04 -1.72
N GLN B 75 18.61 5.21 -2.32
CA GLN B 75 19.86 5.98 -2.40
C GLN B 75 20.36 6.37 -1.01
N GLN B 76 19.46 6.78 -0.11
CA GLN B 76 19.88 7.16 1.23
C GLN B 76 20.38 5.99 2.05
N ASN B 77 19.96 4.76 1.72
CA ASN B 77 20.35 3.58 2.48
C ASN B 77 21.32 2.70 1.72
N GLY B 78 21.87 3.16 0.60
CA GLY B 78 22.93 2.46 -0.06
C GLY B 78 22.49 1.19 -0.77
N LYS B 79 21.26 1.18 -1.29
CA LYS B 79 20.71 -0.03 -1.93
C LYS B 79 20.62 0.16 -3.44
N LEU B 80 20.91 -0.91 -4.17
CA LEU B 80 20.59 -1.00 -5.58
C LEU B 80 19.09 -0.98 -5.77
N ILE B 81 18.67 -0.62 -6.99
CA ILE B 81 17.26 -0.44 -7.32
C ILE B 81 16.97 -1.20 -8.60
N GLY B 82 15.89 -1.98 -8.60
CA GLY B 82 15.34 -2.54 -9.81
C GLY B 82 14.01 -1.86 -10.08
N GLY B 83 13.67 -1.70 -11.35
CA GLY B 83 12.42 -1.10 -11.73
C GLY B 83 11.62 -1.99 -12.67
N GLY B 84 10.31 -1.79 -12.66
CA GLY B 84 9.43 -2.45 -13.60
C GLY B 84 8.03 -2.53 -13.04
N MET B 85 7.13 -3.16 -13.80
N MET B 85 7.14 -3.18 -13.80
N MET B 85 7.13 -3.16 -13.80
CA MET B 85 7.34 -3.65 -15.15
CA MET B 85 7.38 -3.68 -15.16
CA MET B 85 7.39 -3.66 -15.15
C MET B 85 7.01 -2.54 -16.14
C MET B 85 6.97 -2.62 -16.17
C MET B 85 6.98 -2.60 -16.17
N LEU B 86 7.80 -2.40 -17.20
CA LEU B 86 7.50 -1.34 -18.16
C LEU B 86 6.35 -1.72 -19.08
N VAL B 87 6.33 -2.96 -19.56
CA VAL B 87 5.30 -3.45 -20.46
C VAL B 87 4.76 -4.76 -19.88
N TRP B 88 3.51 -4.73 -19.44
CA TRP B 88 2.83 -5.85 -18.80
CA TRP B 88 2.83 -5.98 -19.18
C TRP B 88 1.35 -5.70 -19.11
N HIS B 89 0.61 -6.78 -19.15
CA HIS B 89 -0.82 -6.67 -19.38
C HIS B 89 -1.62 -6.48 -18.10
N SER B 90 -1.05 -6.79 -16.95
N SER B 90 -1.04 -6.78 -16.94
CA SER B 90 -1.73 -6.53 -15.69
CA SER B 90 -1.80 -6.86 -15.69
C SER B 90 -1.46 -5.10 -15.25
C SER B 90 -2.30 -5.51 -15.20
N PHE B 91 -2.39 -4.54 -14.50
N PHE B 91 -1.39 -4.61 -14.81
CA PHE B 91 -2.28 -3.17 -13.99
CA PHE B 91 -1.77 -3.33 -14.21
C PHE B 91 -2.16 -2.14 -15.12
C PHE B 91 -1.73 -2.23 -15.27
N LEU B 92 -2.64 -2.48 -16.32
N LEU B 92 -2.67 -2.35 -16.21
CA LEU B 92 -2.77 -1.47 -17.36
CA LEU B 92 -2.74 -1.47 -17.37
C LEU B 92 -3.98 -0.58 -17.08
C LEU B 92 -3.99 -0.60 -17.30
N PRO B 93 -3.87 0.72 -17.26
CA PRO B 93 -5.06 1.56 -17.17
C PRO B 93 -5.92 1.36 -18.40
N SER B 94 -7.23 1.60 -18.23
CA SER B 94 -8.16 1.30 -19.32
C SER B 94 -7.86 2.11 -20.58
N TRP B 95 -7.27 3.31 -20.43
CA TRP B 95 -7.02 4.13 -21.63
C TRP B 95 -6.02 3.46 -22.57
N VAL B 96 -5.15 2.60 -22.04
CA VAL B 96 -4.21 1.89 -22.91
C VAL B 96 -4.88 0.70 -23.56
N SER B 97 -5.61 -0.10 -22.77
N SER B 97 -5.62 -0.08 -22.77
CA SER B 97 -6.13 -1.36 -23.27
CA SER B 97 -6.30 -1.25 -23.31
C SER B 97 -7.24 -1.19 -24.28
C SER B 97 -7.38 -0.88 -24.31
N SER B 98 -7.77 0.02 -24.46
N SER B 98 -7.82 0.38 -24.33
CA SER B 98 -8.79 0.28 -25.46
CA SER B 98 -8.83 0.84 -25.27
C SER B 98 -8.22 0.82 -26.78
C SER B 98 -8.23 1.42 -26.54
N ILE B 99 -6.95 1.21 -26.80
CA ILE B 99 -6.31 1.65 -28.04
C ILE B 99 -6.32 0.50 -29.03
N THR B 100 -6.78 0.77 -30.25
CA THR B 100 -6.89 -0.24 -31.28
C THR B 100 -6.00 0.03 -32.49
N ASP B 101 -5.27 1.14 -32.52
CA ASP B 101 -4.47 1.53 -33.67
C ASP B 101 -3.00 1.22 -33.41
N LYS B 102 -2.36 0.56 -34.39
CA LYS B 102 -0.99 0.08 -34.18
C LYS B 102 -0.02 1.22 -33.93
N ASN B 103 -0.08 2.27 -34.76
N ASN B 103 -0.07 2.26 -34.77
CA ASN B 103 0.87 3.37 -34.61
CA ASN B 103 0.88 3.36 -34.60
C ASN B 103 0.65 4.11 -33.31
C ASN B 103 0.65 4.09 -33.28
N THR B 104 -0.61 4.31 -32.91
CA THR B 104 -0.89 5.00 -31.66
C THR B 104 -0.34 4.21 -30.47
N LEU B 105 -0.62 2.91 -30.42
CA LEU B 105 -0.15 2.12 -29.29
C LEU B 105 1.37 2.01 -29.26
N THR B 106 2.01 1.92 -30.43
CA THR B 106 3.47 1.90 -30.47
C THR B 106 4.02 3.18 -29.86
N ASN B 107 3.49 4.33 -30.26
CA ASN B 107 3.98 5.60 -29.71
C ASN B 107 3.70 5.71 -28.22
N VAL B 108 2.53 5.25 -27.78
CA VAL B 108 2.20 5.27 -26.36
C VAL B 108 3.19 4.41 -25.58
N MET B 109 3.45 3.21 -26.07
CA MET B 109 4.39 2.32 -25.40
C MET B 109 5.78 2.95 -25.31
N LYS B 110 6.27 3.49 -26.42
CA LYS B 110 7.60 4.08 -26.42
C LYS B 110 7.69 5.24 -25.44
N ASN B 111 6.66 6.10 -25.41
CA ASN B 111 6.70 7.26 -24.51
C ASN B 111 6.65 6.82 -23.05
N HIS B 112 5.91 5.76 -22.76
CA HIS B 112 5.87 5.25 -21.40
C HIS B 112 7.24 4.76 -20.97
N ILE B 113 7.86 3.90 -21.78
CA ILE B 113 9.21 3.41 -21.50
C ILE B 113 10.19 4.57 -21.34
N THR B 114 10.25 5.46 -22.33
CA THR B 114 11.27 6.50 -22.32
C THR B 114 11.11 7.44 -21.13
N THR B 115 9.87 7.80 -20.78
CA THR B 115 9.67 8.74 -19.70
C THR B 115 10.09 8.16 -18.36
N LEU B 116 9.69 6.93 -18.06
CA LEU B 116 10.09 6.32 -16.79
C LEU B 116 11.60 6.14 -16.71
N MET B 117 12.22 5.64 -17.78
CA MET B 117 13.64 5.34 -17.69
C MET B 117 14.49 6.61 -17.68
N THR B 118 14.02 7.67 -18.35
N THR B 118 14.02 7.69 -18.32
CA THR B 118 14.77 8.92 -18.36
CA THR B 118 14.81 8.91 -18.34
C THR B 118 14.76 9.58 -16.98
C THR B 118 14.71 9.67 -17.02
N ARG B 119 13.62 9.50 -16.27
CA ARG B 119 13.53 10.17 -14.97
C ARG B 119 14.59 9.62 -14.01
N TYR B 120 14.86 8.32 -14.09
CA TYR B 120 15.78 7.67 -13.17
C TYR B 120 17.06 7.24 -13.87
N LYS B 121 17.38 7.84 -15.01
CA LYS B 121 18.57 7.49 -15.78
C LYS B 121 19.80 7.43 -14.89
N GLY B 122 20.49 6.30 -14.95
CA GLY B 122 21.73 6.09 -14.24
C GLY B 122 21.56 5.61 -12.82
N LYS B 123 20.34 5.63 -12.29
CA LYS B 123 20.09 5.26 -10.89
C LYS B 123 19.56 3.85 -10.73
N ILE B 124 19.08 3.22 -11.80
CA ILE B 124 18.38 1.95 -11.76
C ILE B 124 19.30 0.89 -12.34
N ARG B 125 19.63 -0.14 -11.56
CA ARG B 125 20.54 -1.16 -12.09
C ARG B 125 19.85 -2.01 -13.15
N THR B 126 18.63 -2.46 -12.89
CA THR B 126 17.92 -3.42 -13.73
C THR B 126 16.53 -2.89 -13.98
N TRP B 127 16.10 -2.92 -15.24
CA TRP B 127 14.71 -2.68 -15.60
C TRP B 127 14.10 -3.97 -16.14
N ASP B 128 12.96 -4.36 -15.58
N ASP B 128 12.99 -4.39 -15.55
CA ASP B 128 12.13 -5.39 -16.19
CA ASP B 128 12.13 -5.36 -16.21
C ASP B 128 11.31 -4.74 -17.28
C ASP B 128 11.38 -4.62 -17.31
N VAL B 129 11.68 -4.96 -18.55
CA VAL B 129 11.08 -4.24 -19.67
C VAL B 129 9.77 -4.87 -20.08
N VAL B 130 9.77 -6.19 -20.29
CA VAL B 130 8.58 -6.95 -20.66
C VAL B 130 8.40 -8.08 -19.65
N GLY B 131 7.17 -8.26 -19.21
CA GLY B 131 6.86 -9.32 -18.27
C GLY B 131 5.67 -10.14 -18.70
N GLU B 132 5.75 -11.43 -18.38
CA GLU B 132 4.66 -12.40 -18.56
C GLU B 132 4.13 -12.40 -20.00
N ALA B 133 5.06 -12.45 -20.94
CA ALA B 133 4.73 -12.41 -22.35
C ALA B 133 4.38 -13.76 -22.95
N PHE B 134 4.56 -14.86 -22.23
CA PHE B 134 4.38 -16.20 -22.78
C PHE B 134 3.20 -16.93 -22.17
N ASN B 135 2.48 -17.67 -23.01
CA ASN B 135 1.51 -18.64 -22.54
C ASN B 135 2.22 -19.86 -21.97
N GLU B 136 1.46 -20.70 -21.25
CA GLU B 136 2.04 -21.89 -20.65
C GLU B 136 2.52 -22.89 -21.70
N ASP B 137 1.96 -22.84 -22.89
CA ASP B 137 2.37 -23.76 -23.94
C ASP B 137 3.55 -23.26 -24.75
N GLY B 138 4.07 -22.06 -24.44
CA GLY B 138 5.23 -21.53 -25.11
C GLY B 138 4.93 -20.53 -26.20
N SER B 139 3.67 -20.42 -26.62
CA SER B 139 3.27 -19.38 -27.56
C SER B 139 3.23 -18.02 -26.85
N LEU B 140 3.19 -16.95 -27.64
CA LEU B 140 3.14 -15.62 -27.05
C LEU B 140 1.73 -15.31 -26.56
N ARG B 141 1.65 -14.71 -25.37
CA ARG B 141 0.38 -14.37 -24.75
C ARG B 141 -0.31 -13.27 -25.55
N GLN B 142 -1.62 -13.44 -25.80
CA GLN B 142 -2.37 -12.52 -26.65
C GLN B 142 -2.90 -11.35 -25.80
N THR B 143 -1.99 -10.43 -25.51
CA THR B 143 -2.30 -9.19 -24.81
C THR B 143 -2.59 -8.09 -25.81
N VAL B 144 -2.97 -6.91 -25.31
CA VAL B 144 -3.28 -5.82 -26.24
C VAL B 144 -2.05 -5.49 -27.08
N PHE B 145 -0.85 -5.61 -26.51
CA PHE B 145 0.36 -5.25 -27.27
C PHE B 145 0.59 -6.23 -28.40
N LEU B 146 0.38 -7.53 -28.14
CA LEU B 146 0.53 -8.49 -29.22
C LEU B 146 -0.59 -8.35 -30.26
N ASN B 147 -1.83 -8.17 -29.80
CA ASN B 147 -2.95 -8.10 -30.72
C ASN B 147 -2.90 -6.86 -31.60
N VAL B 148 -2.46 -5.73 -31.06
CA VAL B 148 -2.52 -4.48 -31.81
C VAL B 148 -1.21 -4.19 -32.52
N ILE B 149 -0.06 -4.42 -31.89
CA ILE B 149 1.22 -4.13 -32.53
C ILE B 149 1.76 -5.34 -33.28
N GLY B 150 1.55 -6.53 -32.75
CA GLY B 150 2.15 -7.73 -33.28
C GLY B 150 3.39 -8.11 -32.49
N GLU B 151 4.04 -9.19 -32.93
CA GLU B 151 5.16 -9.71 -32.14
C GLU B 151 6.35 -8.76 -32.14
N ASP B 152 6.38 -7.75 -33.00
CA ASP B 152 7.46 -6.77 -32.95
C ASP B 152 7.42 -5.90 -31.68
N TYR B 153 6.36 -5.97 -30.88
CA TYR B 153 6.33 -5.09 -29.72
C TYR B 153 7.47 -5.40 -28.75
N ILE B 154 7.94 -6.64 -28.72
CA ILE B 154 8.99 -7.01 -27.78
C ILE B 154 10.32 -6.42 -28.25
N PRO B 155 10.74 -6.64 -29.51
CA PRO B 155 11.95 -5.92 -29.99
C PRO B 155 11.86 -4.41 -29.84
N ILE B 156 10.71 -3.81 -30.15
CA ILE B 156 10.58 -2.35 -30.04
C ILE B 156 10.77 -1.91 -28.60
N ALA B 157 10.18 -2.66 -27.66
CA ALA B 157 10.30 -2.28 -26.25
C ALA B 157 11.75 -2.29 -25.81
N PHE B 158 12.50 -3.33 -26.18
CA PHE B 158 13.88 -3.41 -25.72
C PHE B 158 14.77 -2.38 -26.42
N GLN B 159 14.56 -2.17 -27.72
N GLN B 159 14.55 -2.16 -27.72
CA GLN B 159 15.33 -1.17 -28.45
CA GLN B 159 15.36 -1.16 -28.43
C GLN B 159 15.10 0.23 -27.88
C GLN B 159 15.10 0.24 -27.89
N THR B 160 13.86 0.54 -27.52
CA THR B 160 13.53 1.83 -26.93
C THR B 160 14.17 1.99 -25.57
N ALA B 161 14.15 0.93 -24.76
CA ALA B 161 14.74 0.97 -23.42
C ALA B 161 16.25 1.18 -23.49
N ARG B 162 16.95 0.46 -24.38
CA ARG B 162 18.39 0.64 -24.51
C ARG B 162 18.74 2.08 -24.85
N ALA B 163 17.96 2.70 -25.72
CA ALA B 163 18.26 4.09 -26.09
C ALA B 163 18.02 5.04 -24.93
N ALA B 164 17.04 4.74 -24.08
CA ALA B 164 16.67 5.67 -23.02
C ALA B 164 17.66 5.67 -21.86
N ASP B 165 18.23 4.51 -21.51
CA ASP B 165 19.27 4.45 -20.49
C ASP B 165 20.20 3.30 -20.84
N PRO B 166 21.30 3.58 -21.53
N PRO B 166 21.27 3.58 -21.59
CA PRO B 166 22.21 2.49 -21.93
CA PRO B 166 22.16 2.48 -22.00
C PRO B 166 23.02 1.92 -20.78
C PRO B 166 22.80 1.75 -20.83
N ASN B 167 22.85 2.42 -19.55
N ASN B 167 22.85 2.34 -19.65
CA ASN B 167 23.53 1.87 -18.39
CA ASN B 167 23.58 1.77 -18.52
C ASN B 167 22.76 0.71 -17.78
C ASN B 167 22.72 0.85 -17.66
N ALA B 168 21.44 0.71 -17.96
CA ALA B 168 20.60 -0.25 -17.27
C ALA B 168 20.70 -1.64 -17.91
N LYS B 169 20.60 -2.66 -17.08
CA LYS B 169 20.41 -4.01 -17.61
C LYS B 169 18.93 -4.26 -17.89
N LEU B 170 18.63 -4.80 -19.07
CA LEU B 170 17.27 -4.93 -19.56
C LEU B 170 16.85 -6.38 -19.53
N TYR B 171 15.79 -6.68 -18.79
CA TYR B 171 15.35 -8.05 -18.57
C TYR B 171 13.97 -8.30 -19.18
N ILE B 172 13.78 -9.53 -19.62
CA ILE B 172 12.45 -10.14 -19.78
C ILE B 172 12.23 -11.04 -18.57
N MET B 173 10.99 -11.11 -18.11
N MET B 173 10.99 -11.09 -18.09
CA MET B 173 10.64 -11.85 -16.90
CA MET B 173 10.65 -11.86 -16.91
C MET B 173 9.41 -12.70 -17.14
C MET B 173 9.45 -12.74 -17.21
N ASP B 174 9.36 -13.87 -16.52
CA ASP B 174 8.16 -14.69 -16.57
C ASP B 174 8.17 -15.66 -15.39
N TYR B 175 7.03 -16.30 -15.18
CA TYR B 175 6.85 -17.29 -14.13
C TYR B 175 6.66 -18.68 -14.73
N ASN B 176 6.65 -19.68 -13.85
CA ASN B 176 6.59 -21.08 -14.24
C ASN B 176 7.75 -21.47 -15.16
N LEU B 177 8.93 -20.96 -14.86
CA LEU B 177 10.18 -21.37 -15.46
C LEU B 177 11.03 -22.17 -14.46
N ASP B 178 10.36 -22.88 -13.56
CA ASP B 178 11.01 -23.54 -12.44
C ASP B 178 11.35 -24.99 -12.70
N SER B 179 10.90 -25.54 -13.83
CA SER B 179 11.16 -26.92 -14.20
C SER B 179 11.75 -26.93 -15.60
N ALA B 180 12.84 -27.67 -15.77
CA ALA B 180 13.53 -27.72 -17.06
C ALA B 180 12.67 -28.33 -18.15
N SER B 181 11.77 -29.24 -17.81
N SER B 181 11.78 -29.26 -17.79
CA SER B 181 10.99 -29.95 -18.83
CA SER B 181 10.98 -29.96 -18.79
C SER B 181 9.65 -29.30 -19.09
C SER B 181 9.74 -29.19 -19.20
N TYR B 182 9.33 -28.20 -18.40
CA TYR B 182 8.07 -27.53 -18.64
C TYR B 182 8.13 -26.76 -19.94
N PRO B 183 7.09 -26.82 -20.79
CA PRO B 183 7.22 -26.25 -22.15
C PRO B 183 7.58 -24.77 -22.17
N LYS B 184 7.11 -24.01 -21.21
CA LYS B 184 7.38 -22.58 -21.20
C LYS B 184 8.88 -22.31 -21.09
N THR B 185 9.59 -23.15 -20.36
CA THR B 185 11.00 -22.92 -20.11
C THR B 185 11.82 -23.02 -21.40
N GLN B 186 11.68 -24.10 -22.17
CA GLN B 186 12.43 -24.17 -23.42
C GLN B 186 11.94 -23.12 -24.42
N ALA B 187 10.64 -22.76 -24.36
CA ALA B 187 10.13 -21.77 -25.31
C ALA B 187 10.80 -20.41 -25.11
N ILE B 188 10.94 -19.96 -23.87
CA ILE B 188 11.55 -18.65 -23.64
C ILE B 188 13.03 -18.68 -23.98
N VAL B 189 13.71 -19.81 -23.73
CA VAL B 189 15.10 -19.94 -24.14
C VAL B 189 15.22 -19.79 -25.65
N ASN B 190 14.38 -20.51 -26.42
CA ASN B 190 14.45 -20.45 -27.88
C ASN B 190 14.19 -19.04 -28.40
N ARG B 191 13.18 -18.36 -27.86
CA ARG B 191 12.83 -17.04 -28.39
C ARG B 191 13.88 -16.01 -28.02
N VAL B 192 14.41 -16.08 -26.80
CA VAL B 192 15.42 -15.11 -26.40
C VAL B 192 16.67 -15.29 -27.23
N LYS B 193 17.06 -16.54 -27.52
CA LYS B 193 18.19 -16.78 -28.41
C LYS B 193 17.95 -16.13 -29.77
N GLN B 194 16.77 -16.34 -30.33
N GLN B 194 16.78 -16.37 -30.34
CA GLN B 194 16.47 -15.81 -31.65
CA GLN B 194 16.46 -15.79 -31.65
C GLN B 194 16.44 -14.28 -31.63
C GLN B 194 16.49 -14.28 -31.60
N TRP B 195 15.84 -13.68 -30.59
CA TRP B 195 15.79 -12.22 -30.51
C TRP B 195 17.19 -11.63 -30.41
N ARG B 196 18.04 -12.22 -29.57
CA ARG B 196 19.39 -11.67 -29.41
C ARG B 196 20.19 -11.82 -30.70
N ALA B 197 20.02 -12.93 -31.40
CA ALA B 197 20.70 -13.12 -32.68
C ALA B 197 20.26 -12.10 -33.72
N ALA B 198 19.06 -11.54 -33.56
CA ALA B 198 18.56 -10.49 -34.41
C ALA B 198 18.92 -9.10 -33.90
N GLY B 199 19.72 -9.01 -32.84
CA GLY B 199 20.19 -7.74 -32.34
C GLY B 199 19.36 -7.11 -31.25
N VAL B 200 18.38 -7.82 -30.72
CA VAL B 200 17.53 -7.24 -29.67
C VAL B 200 18.31 -7.21 -28.36
N PRO B 201 18.37 -6.06 -27.67
CA PRO B 201 19.21 -5.97 -26.46
C PRO B 201 18.53 -6.48 -25.20
N ILE B 202 18.45 -7.81 -25.10
CA ILE B 202 17.95 -8.48 -23.92
C ILE B 202 19.15 -8.87 -23.07
N ASP B 203 19.34 -8.21 -21.94
CA ASP B 203 20.49 -8.50 -21.09
C ASP B 203 20.23 -9.61 -20.09
N GLY B 204 18.97 -9.87 -19.75
CA GLY B 204 18.74 -10.89 -18.72
C GLY B 204 17.38 -11.54 -18.82
N ILE B 205 17.29 -12.74 -18.23
CA ILE B 205 16.02 -13.41 -17.96
C ILE B 205 15.82 -13.43 -16.45
N GLY B 206 14.69 -12.91 -16.01
CA GLY B 206 14.31 -12.98 -14.61
C GLY B 206 13.23 -14.02 -14.43
N SER B 207 13.48 -14.99 -13.56
CA SER B 207 12.54 -16.06 -13.29
C SER B 207 11.73 -15.72 -12.04
N GLN B 208 10.45 -15.46 -12.22
N GLN B 208 10.45 -15.38 -12.24
CA GLN B 208 9.53 -15.12 -11.13
CA GLN B 208 9.51 -15.14 -11.13
C GLN B 208 9.14 -16.43 -10.44
C GLN B 208 9.22 -16.48 -10.50
N THR B 209 9.81 -16.73 -9.33
CA THR B 209 9.86 -18.07 -8.75
C THR B 209 8.88 -18.19 -7.58
N HIS B 210 7.71 -18.77 -7.83
CA HIS B 210 6.72 -19.04 -6.78
C HIS B 210 6.59 -20.54 -6.66
N LEU B 211 7.18 -21.11 -5.61
CA LEU B 211 7.30 -22.55 -5.49
C LEU B 211 6.35 -23.12 -4.46
N SER B 212 5.94 -24.36 -4.71
N SER B 212 5.91 -24.35 -4.70
CA SER B 212 5.30 -25.20 -3.71
CA SER B 212 5.30 -25.15 -3.67
C SER B 212 6.37 -26.02 -3.01
C SER B 212 6.36 -26.04 -3.02
N ALA B 213 5.98 -26.67 -1.91
CA ALA B 213 6.96 -27.42 -1.14
C ALA B 213 7.61 -28.50 -2.00
N GLY B 214 8.93 -28.60 -1.90
CA GLY B 214 9.68 -29.60 -2.64
C GLY B 214 10.10 -29.21 -4.03
N GLN B 215 9.62 -28.09 -4.56
CA GLN B 215 9.97 -27.72 -5.92
C GLN B 215 11.32 -27.00 -6.02
N GLY B 216 12.00 -26.72 -4.91
CA GLY B 216 13.29 -26.06 -5.01
C GLY B 216 14.31 -26.86 -5.81
N ALA B 217 14.30 -28.18 -5.65
CA ALA B 217 15.30 -29.03 -6.31
C ALA B 217 15.26 -28.87 -7.83
N GLY B 218 14.06 -28.70 -8.39
CA GLY B 218 13.95 -28.54 -9.83
C GLY B 218 14.67 -27.31 -10.38
N VAL B 219 14.82 -26.27 -9.56
CA VAL B 219 15.46 -25.05 -10.03
C VAL B 219 16.93 -25.28 -10.31
N LEU B 220 17.52 -26.30 -9.68
CA LEU B 220 18.91 -26.65 -9.95
C LEU B 220 19.13 -27.01 -11.41
N GLN B 221 18.12 -27.55 -12.09
N GLN B 221 18.11 -27.55 -12.08
CA GLN B 221 18.23 -27.82 -13.52
CA GLN B 221 18.19 -27.85 -13.50
C GLN B 221 17.62 -26.73 -14.38
C GLN B 221 17.59 -26.77 -14.38
N ALA B 222 16.55 -26.09 -13.89
CA ALA B 222 15.88 -25.08 -14.71
C ALA B 222 16.73 -23.84 -14.91
N LEU B 223 17.45 -23.42 -13.89
CA LEU B 223 18.15 -22.14 -14.00
C LEU B 223 19.35 -22.25 -14.95
N PRO B 224 20.14 -23.33 -14.91
CA PRO B 224 21.16 -23.47 -15.96
C PRO B 224 20.59 -23.55 -17.36
N LEU B 225 19.42 -24.16 -17.52
CA LEU B 225 18.78 -24.17 -18.83
C LEU B 225 18.43 -22.75 -19.29
N LEU B 226 17.83 -21.95 -18.39
CA LEU B 226 17.57 -20.56 -18.75
C LEU B 226 18.84 -19.82 -19.12
N ALA B 227 19.93 -20.10 -18.39
CA ALA B 227 21.20 -19.46 -18.68
C ALA B 227 21.74 -19.86 -20.05
N SER B 228 21.27 -20.97 -20.63
CA SER B 228 21.81 -21.41 -21.91
C SER B 228 21.32 -20.54 -23.06
N ALA B 229 20.35 -19.64 -22.81
CA ALA B 229 19.92 -18.70 -23.83
C ALA B 229 21.04 -17.73 -24.20
N GLY B 230 22.05 -17.59 -23.35
CA GLY B 230 23.18 -16.73 -23.66
C GLY B 230 23.08 -15.30 -23.20
N THR B 231 22.07 -14.96 -22.39
CA THR B 231 22.01 -13.61 -21.86
C THR B 231 23.15 -13.38 -20.89
N PRO B 232 23.65 -12.14 -20.79
CA PRO B 232 24.71 -11.85 -19.82
C PRO B 232 24.35 -12.17 -18.39
N GLU B 233 23.06 -12.07 -18.04
CA GLU B 233 22.58 -12.28 -16.68
C GLU B 233 21.32 -13.12 -16.65
N VAL B 234 21.13 -13.83 -15.54
CA VAL B 234 19.84 -14.35 -15.13
C VAL B 234 19.68 -14.03 -13.65
N SER B 235 18.44 -14.12 -13.18
N SER B 235 18.43 -14.06 -13.17
CA SER B 235 18.17 -13.83 -11.78
CA SER B 235 18.18 -13.78 -11.77
C SER B 235 16.93 -14.58 -11.34
C SER B 235 16.87 -14.41 -11.36
N ILE B 236 16.80 -14.68 -10.02
N ILE B 236 16.83 -14.89 -10.13
CA ILE B 236 15.60 -15.17 -9.37
CA ILE B 236 15.62 -15.38 -9.48
C ILE B 236 14.86 -13.94 -8.85
C ILE B 236 14.98 -14.21 -8.74
N LEU B 237 13.58 -13.84 -9.15
N LEU B 237 13.74 -13.89 -9.07
CA LEU B 237 12.81 -12.67 -8.78
CA LEU B 237 13.05 -12.76 -8.46
C LEU B 237 11.52 -13.07 -8.09
C LEU B 237 11.72 -13.19 -7.87
N MET B 238 11.12 -12.26 -7.11
CA MET B 238 9.83 -12.45 -6.45
C MET B 238 9.72 -13.83 -5.80
N LEU B 239 10.81 -14.29 -5.18
CA LEU B 239 10.85 -15.65 -4.65
C LEU B 239 9.99 -15.80 -3.42
N ASP B 240 9.15 -16.83 -3.42
CA ASP B 240 8.56 -17.32 -2.18
C ASP B 240 8.32 -18.82 -2.35
N VAL B 241 8.19 -19.53 -1.21
CA VAL B 241 8.14 -20.99 -1.16
C VAL B 241 7.09 -21.40 -0.13
N ALA B 242 5.99 -22.02 -0.57
CA ALA B 242 5.02 -22.48 0.41
C ALA B 242 5.69 -23.40 1.41
N GLY B 243 5.51 -23.11 2.69
CA GLY B 243 6.11 -23.86 3.78
C GLY B 243 7.47 -23.36 4.21
N ALA B 244 8.17 -22.62 3.35
CA ALA B 244 9.49 -22.05 3.63
C ALA B 244 10.46 -23.07 4.20
N SER B 245 10.45 -24.27 3.64
N SER B 245 10.46 -24.28 3.64
CA SER B 245 11.40 -25.29 4.06
CA SER B 245 11.39 -25.28 4.14
C SER B 245 12.83 -24.80 3.82
C SER B 245 12.83 -24.87 3.82
N PRO B 246 13.75 -25.01 4.77
CA PRO B 246 15.16 -24.72 4.48
C PRO B 246 15.67 -25.43 3.24
N THR B 247 15.20 -26.66 3.02
CA THR B 247 15.69 -27.42 1.87
C THR B 247 15.34 -26.74 0.55
N ASP B 248 14.09 -26.27 0.42
CA ASP B 248 13.69 -25.59 -0.81
C ASP B 248 14.47 -24.30 -0.99
N TYR B 249 14.58 -23.49 0.06
CA TYR B 249 15.27 -22.21 -0.06
C TYR B 249 16.75 -22.40 -0.39
N VAL B 250 17.41 -23.36 0.25
CA VAL B 250 18.83 -23.54 0.01
C VAL B 250 19.05 -24.07 -1.41
N ASN B 251 18.17 -24.93 -1.89
CA ASN B 251 18.29 -25.40 -3.27
C ASN B 251 18.18 -24.25 -4.27
N VAL B 252 17.32 -23.27 -4.01
CA VAL B 252 17.21 -22.14 -4.92
C VAL B 252 18.48 -21.30 -4.89
N VAL B 253 18.99 -21.04 -3.69
CA VAL B 253 20.21 -20.26 -3.56
C VAL B 253 21.37 -20.97 -4.24
N ASN B 254 21.47 -22.28 -4.06
CA ASN B 254 22.56 -23.02 -4.68
C ASN B 254 22.44 -23.06 -6.20
N ALA B 255 21.21 -23.05 -6.73
CA ALA B 255 21.05 -22.94 -8.18
C ALA B 255 21.72 -21.68 -8.69
N CYS B 256 21.49 -20.57 -8.00
CA CYS B 256 22.10 -19.31 -8.43
C CYS B 256 23.61 -19.35 -8.28
N LEU B 257 24.10 -19.86 -7.16
CA LEU B 257 25.53 -20.02 -6.96
C LEU B 257 26.17 -20.87 -8.06
N ASN B 258 25.46 -21.88 -8.54
CA ASN B 258 26.01 -22.81 -9.54
C ASN B 258 26.03 -22.22 -10.96
N VAL B 259 25.35 -21.11 -11.20
CA VAL B 259 25.18 -20.53 -12.53
C VAL B 259 25.96 -19.23 -12.56
N GLN B 260 27.05 -19.20 -13.33
N GLN B 260 27.04 -19.19 -13.35
CA GLN B 260 27.94 -18.04 -13.29
CA GLN B 260 27.95 -18.07 -13.29
C GLN B 260 27.18 -16.76 -13.58
C GLN B 260 27.28 -16.75 -13.69
N SER B 261 26.24 -16.81 -14.53
CA SER B 261 25.54 -15.61 -14.96
C SER B 261 24.39 -15.24 -14.03
N CYS B 262 24.11 -16.00 -12.98
CA CYS B 262 23.10 -15.58 -12.02
C CYS B 262 23.67 -14.49 -11.12
N VAL B 263 23.08 -13.30 -11.18
CA VAL B 263 23.63 -12.17 -10.42
C VAL B 263 23.03 -12.06 -9.02
N GLY B 264 21.88 -12.66 -8.77
CA GLY B 264 21.30 -12.55 -7.45
C GLY B 264 19.87 -13.03 -7.40
N ILE B 265 19.31 -12.87 -6.19
CA ILE B 265 18.01 -13.38 -5.82
C ILE B 265 17.24 -12.26 -5.15
N THR B 266 15.98 -12.11 -5.50
CA THR B 266 15.08 -11.19 -4.81
C THR B 266 13.90 -11.98 -4.24
N VAL B 267 13.58 -11.75 -2.95
CA VAL B 267 12.41 -12.38 -2.36
C VAL B 267 11.20 -11.46 -2.45
N PHE B 268 10.02 -12.08 -2.43
N PHE B 268 10.02 -12.06 -2.37
CA PHE B 268 8.73 -11.42 -2.63
CA PHE B 268 8.77 -11.37 -2.68
C PHE B 268 8.14 -10.90 -1.33
C PHE B 268 8.36 -10.35 -1.63
N GLY B 269 8.98 -10.37 -0.46
CA GLY B 269 8.56 -9.54 0.66
C GLY B 269 9.40 -9.94 1.85
N VAL B 270 9.19 -9.27 2.97
CA VAL B 270 9.97 -9.50 4.19
C VAL B 270 9.28 -10.53 5.08
N ALA B 271 8.06 -10.24 5.56
CA ALA B 271 7.45 -11.03 6.62
C ALA B 271 6.18 -11.72 6.16
N ASP B 272 6.04 -12.97 6.62
CA ASP B 272 4.91 -13.85 6.27
C ASP B 272 3.55 -13.17 6.28
N PRO B 273 3.16 -12.37 7.28
CA PRO B 273 1.79 -11.83 7.27
C PRO B 273 1.49 -10.90 6.11
N ASP B 274 2.48 -10.38 5.42
CA ASP B 274 2.29 -9.49 4.30
C ASP B 274 2.35 -10.21 2.96
N SER B 275 2.47 -11.54 2.99
CA SER B 275 2.44 -12.33 1.76
C SER B 275 1.03 -12.41 1.18
N VAL B 276 0.97 -12.52 -0.16
CA VAL B 276 -0.30 -12.79 -0.82
C VAL B 276 -0.82 -14.19 -0.50
N ARG B 277 0.03 -15.08 0.00
CA ARG B 277 -0.37 -16.44 0.40
C ARG B 277 0.15 -16.72 1.81
N ALA B 278 -0.29 -15.87 2.73
CA ALA B 278 0.24 -15.84 4.08
C ALA B 278 -0.01 -17.14 4.83
N SER B 279 -1.10 -17.85 4.52
CA SER B 279 -1.37 -19.09 5.23
C SER B 279 -0.33 -20.16 4.93
N THR B 280 0.47 -20.02 3.87
CA THR B 280 1.54 -20.96 3.56
C THR B 280 2.89 -20.54 4.14
N THR B 281 2.93 -19.49 4.96
CA THR B 281 4.09 -18.90 5.62
C THR B 281 5.32 -19.00 4.75
N PRO B 282 5.34 -18.32 3.59
CA PRO B 282 6.31 -18.64 2.54
C PRO B 282 7.58 -17.79 2.49
N LEU B 283 7.78 -16.88 3.42
CA LEU B 283 8.87 -15.91 3.40
C LEU B 283 9.91 -16.25 4.46
N LEU B 284 10.92 -15.38 4.60
CA LEU B 284 12.09 -15.68 5.42
C LEU B 284 12.01 -15.10 6.83
N PHE B 285 11.02 -14.24 7.10
CA PHE B 285 10.80 -13.68 8.43
C PHE B 285 9.36 -13.94 8.84
N ASP B 286 9.15 -14.17 10.13
CA ASP B 286 7.86 -14.58 10.63
C ASP B 286 7.05 -13.33 11.00
N GLY B 287 5.86 -13.53 11.59
CA GLY B 287 4.97 -12.43 11.92
C GLY B 287 5.45 -11.54 13.05
N ASN B 288 6.54 -11.90 13.71
CA ASN B 288 7.20 -11.07 14.70
C ASN B 288 8.46 -10.44 14.16
N PHE B 289 8.71 -10.57 12.86
CA PHE B 289 9.88 -10.06 12.18
C PHE B 289 11.16 -10.74 12.65
N ASN B 290 11.03 -11.99 13.11
CA ASN B 290 12.20 -12.76 13.47
C ASN B 290 12.61 -13.65 12.31
N PRO B 291 13.90 -13.90 12.14
N PRO B 291 13.91 -13.83 12.11
CA PRO B 291 14.34 -14.75 11.04
CA PRO B 291 14.34 -14.76 11.06
C PRO B 291 13.95 -16.20 11.28
C PRO B 291 13.80 -16.15 11.31
N LYS B 292 13.44 -16.83 10.23
CA LYS B 292 12.95 -18.19 10.26
C LYS B 292 14.07 -19.18 9.98
N PRO B 293 13.84 -20.47 10.22
CA PRO B 293 14.88 -21.46 9.95
C PRO B 293 15.47 -21.38 8.54
N ALA B 294 14.64 -21.08 7.54
CA ALA B 294 15.17 -20.96 6.19
C ALA B 294 16.18 -19.82 6.07
N TYR B 295 15.96 -18.71 6.77
CA TYR B 295 16.92 -17.63 6.70
C TYR B 295 18.27 -18.10 7.25
N ASN B 296 18.26 -18.73 8.42
CA ASN B 296 19.49 -19.21 9.02
C ASN B 296 20.15 -20.29 8.18
N ALA B 297 19.37 -21.09 7.48
CA ALA B 297 19.96 -22.11 6.63
C ALA B 297 20.68 -21.47 5.45
N ILE B 298 20.12 -20.39 4.92
CA ILE B 298 20.78 -19.69 3.82
C ILE B 298 22.09 -19.10 4.29
N VAL B 299 22.07 -18.49 5.49
CA VAL B 299 23.29 -17.94 6.09
C VAL B 299 24.35 -19.03 6.19
N GLN B 300 23.98 -20.20 6.72
CA GLN B 300 24.96 -21.27 6.88
C GLN B 300 25.47 -21.75 5.53
N ASP B 301 24.59 -21.79 4.52
CA ASP B 301 25.00 -22.25 3.20
C ASP B 301 25.99 -21.28 2.57
N LEU B 302 25.80 -19.98 2.80
CA LEU B 302 26.65 -18.98 2.20
C LEU B 302 27.97 -18.80 2.96
N GLN B 303 28.00 -19.13 4.26
CA GLN B 303 29.23 -19.04 5.01
C GLN B 303 30.24 -20.08 4.54
N GLN B 304 29.77 -21.22 4.05
CA GLN B 304 30.65 -22.28 3.56
C GLN B 304 31.19 -21.95 2.17
O21 6NT C . -8.98 4.33 11.12
NO1 6NT C . -9.90 5.33 10.81
O11 6NT C . -10.89 5.43 11.43
C5 6NT C . -9.58 6.27 9.75
C6 6NT C . -8.60 5.99 8.80
C7 6NT C . -8.31 6.92 7.81
C7A 6NT C . -9.00 8.13 7.77
N1 6NT C . -8.92 9.18 6.94
C3A 6NT C . -9.97 8.42 8.71
C4 6NT C . -10.27 7.47 9.71
N3 6NT C . -10.46 9.63 8.45
N2 6NT C . -9.82 10.12 7.35
H6 6NT C . -8.14 5.18 8.83
H4 6NT C . -10.92 7.66 10.34
H7 6NT C . -7.65 6.73 7.18
H3 6NT C . -11.08 10.03 8.89
O21 6NT D . 10.41 -8.93 -6.60
NO1 6NT D . 10.95 -8.31 -7.73
O11 6NT D . 12.09 -8.46 -8.01
C5 6NT D . 10.08 -7.51 -8.55
C6 6NT D . 9.01 -6.80 -7.97
C7 6NT D . 8.17 -6.04 -8.76
C7A 6NT D . 8.38 -5.97 -10.15
N1 6NT D . 7.73 -5.32 -11.12
C3A 6NT D . 9.43 -6.65 -10.73
C4 6NT D . 10.29 -7.44 -9.92
N3 6NT D . 9.40 -6.42 -12.05
N2 6NT D . 8.36 -5.60 -12.30
H6 6NT D . 8.87 -6.85 -7.06
H4 6NT D . 11.00 -7.90 -10.31
H7 6NT D . 7.46 -5.57 -8.38
H3 6NT D . 9.95 -6.74 -12.62
#